data_5F1A
#
_entry.id   5F1A
#
_cell.length_a   118.410
_cell.length_b   132.660
_cell.length_c   178.740
_cell.angle_alpha   90.000
_cell.angle_beta   90.000
_cell.angle_gamma   90.000
#
_symmetry.space_group_name_H-M   'I 2 2 2'
#
loop_
_entity.id
_entity.type
_entity.pdbx_description
1 polymer 'Prostaglandin G/H synthase 2'
2 branched alpha-D-mannopyranose-(1-4)-alpha-D-mannopyranose-(1-4)-2-acetamido-2-deoxy-beta-D-glucopyranose-(1-4)-2-acetamido-2-deoxy-beta-D-glucopyranose
3 branched alpha-D-mannopyranose-(1-4)-2-acetamido-2-deoxy-beta-D-glucopyranose-(1-4)-2-acetamido-2-deoxy-beta-D-glucopyranose
4 non-polymer '2-HYDROXYBENZOIC ACID'
5 non-polymer 'PROTOPORPHYRIN IX CONTAINING CO'
6 non-polymer 2-acetamido-2-deoxy-beta-D-glucopyranose
7 non-polymer 'ACRYLIC ACID'
8 non-polymer 1,2-ETHANEDIOL
9 non-polymer 'octyl beta-D-glucopyranoside'
10 water water
#
_entity_poly.entity_id   1
_entity_poly.type   'polypeptide(L)'
_entity_poly.pdbx_seq_one_letter_code
;KNPCCSHPCQNRGVCMSVGFDQYKCDCTRTGFYGENCSTPEFLTRIKLFLKPTPNTVHYILTHFKGFWNVVNNIPFLRNA
IMSYVLTSRSHLIDSPPTYNADYGYKSWEAFSNLSYYTRALPPVPDDCPTPLGVKGKKQLPDSNEIVEKLLLRRKFIPDP
QGSNMMFAFFAQHFTHQFFKTDHKRGPAFTNGLGHGVDLNHIYGETLARQRKLRLFKDGKMKYQIIDGEMYPPTVKDTQA
EMIYPPQVPEHLRFAVGQEVFGLVPGLMMYATIWLREHNRVCDVLKQEHPEWGDEQLFQTSRLILIGETIKIVIEDYVQH
LSGYHFKLKFDPELLFNKQFQYQNRIAAEFNTLYHWHPLLPDTFQIHDQKYNYQQFIYNNSILLEHGITQFVESFTRQIA
GRVAGGRNVPPAVQKVSQASIDQSRQMKYQSFNEYRKRFMLKPYESFEELTGEKEMSAELEALYGDIDAVELYPALLVEK
PRPDAIFGETMVEVGAPFSLKGLMGNVICSPAYWKPSTFGGEVGFQIINTASIQSLICNNVKGCPFTSFSVPD
;
_entity_poly.pdbx_strand_id   A,B
#
loop_
_chem_comp.id
_chem_comp.type
_chem_comp.name
_chem_comp.formula
AKR non-polymer 'ACRYLIC ACID' 'C3 H4 O2'
BOG D-saccharide 'octyl beta-D-glucopyranoside' 'C14 H28 O6'
COH non-polymer 'PROTOPORPHYRIN IX CONTAINING CO' 'C34 H32 Co N4 O4'
EDO non-polymer 1,2-ETHANEDIOL 'C2 H6 O2'
MAN D-saccharide, alpha linking alpha-D-mannopyranose 'C6 H12 O6'
NAG D-saccharide, beta linking 2-acetamido-2-deoxy-beta-D-glucopyranose 'C8 H15 N O6'
SAL non-polymer '2-HYDROXYBENZOIC ACID' 'C7 H6 O3'
#
# COMPACT_ATOMS: atom_id res chain seq x y z
N LYS A 1 20.94 26.47 13.83
CA LYS A 1 19.76 27.13 14.39
C LYS A 1 18.73 26.13 14.91
N ASN A 2 18.13 25.38 13.99
CA ASN A 2 17.14 24.36 14.32
C ASN A 2 17.57 23.49 15.50
N PRO A 3 16.77 23.46 16.57
CA PRO A 3 17.19 22.78 17.80
C PRO A 3 17.21 21.24 17.69
N CYS A 4 16.53 20.68 16.69
CA CYS A 4 16.55 19.24 16.51
C CYS A 4 17.80 18.77 15.77
N CYS A 5 18.66 19.72 15.42
CA CYS A 5 19.90 19.40 14.69
C CYS A 5 20.83 18.47 15.45
N SER A 6 20.70 18.40 16.77
CA SER A 6 21.57 17.57 17.58
C SER A 6 21.05 16.14 17.70
N HIS A 7 19.87 15.90 17.11
CA HIS A 7 19.19 14.62 17.21
C HIS A 7 19.05 14.17 18.67
N PRO A 8 18.46 15.02 19.52
CA PRO A 8 18.47 14.77 20.96
C PRO A 8 17.54 13.62 21.37
N CYS A 9 16.57 13.32 20.52
CA CYS A 9 15.56 12.31 20.85
C CYS A 9 16.06 10.90 20.59
N GLN A 10 16.14 10.11 21.65
CA GLN A 10 16.71 8.77 21.57
C GLN A 10 15.63 7.70 21.46
N ASN A 11 16.05 6.49 21.09
CA ASN A 11 15.19 5.31 21.12
C ASN A 11 13.94 5.47 20.26
N ARG A 12 14.15 6.13 19.11
CA ARG A 12 13.12 6.32 18.07
C ARG A 12 12.03 7.29 18.49
N GLY A 13 12.30 8.08 19.52
CA GLY A 13 11.42 9.19 19.86
C GLY A 13 11.50 10.25 18.78
N VAL A 14 10.44 11.05 18.65
CA VAL A 14 10.35 11.99 17.55
C VAL A 14 10.62 13.42 18.01
N CYS A 15 11.54 14.10 17.32
CA CYS A 15 11.90 15.46 17.69
C CYS A 15 11.01 16.47 16.99
N MET A 16 10.74 17.57 17.68
CA MET A 16 9.90 18.64 17.17
C MET A 16 10.36 19.96 17.75
N SER A 17 10.42 21.00 16.94
CA SER A 17 10.78 22.31 17.44
C SER A 17 9.58 22.95 18.14
N VAL A 18 9.85 23.70 19.19
CA VAL A 18 8.82 24.44 19.91
C VAL A 18 9.30 25.88 20.09
N GLY A 19 9.08 26.69 19.06
CA GLY A 19 9.68 28.02 19.01
C GLY A 19 11.06 27.92 18.39
N PHE A 20 11.81 29.01 18.44
CA PHE A 20 13.13 29.04 17.81
C PHE A 20 14.21 28.38 18.67
N ASP A 21 14.02 28.40 19.99
CA ASP A 21 15.08 28.00 20.91
C ASP A 21 14.88 26.63 21.59
N GLN A 22 13.75 25.98 21.34
CA GLN A 22 13.45 24.75 22.08
C GLN A 22 12.92 23.61 21.22
N TYR A 23 13.07 22.40 21.73
CA TYR A 23 12.51 21.22 21.10
C TYR A 23 11.65 20.44 22.08
N LYS A 24 10.94 19.45 21.57
CA LYS A 24 10.20 18.51 22.39
C LYS A 24 10.34 17.13 21.78
N CYS A 25 10.57 16.14 22.63
CA CYS A 25 10.64 14.75 22.18
C CYS A 25 9.29 14.06 22.42
N ASP A 26 8.81 13.35 21.41
CA ASP A 26 7.60 12.56 21.52
C ASP A 26 8.00 11.11 21.75
N CYS A 27 7.91 10.67 22.99
CA CYS A 27 8.41 9.34 23.38
C CYS A 27 7.35 8.26 23.25
N THR A 28 6.19 8.63 22.71
CA THR A 28 5.06 7.72 22.55
C THR A 28 5.47 6.34 22.05
N ARG A 29 5.18 5.33 22.86
CA ARG A 29 5.44 3.93 22.55
C ARG A 29 6.91 3.58 22.23
N THR A 30 7.87 4.36 22.75
CA THR A 30 9.28 4.01 22.58
C THR A 30 9.73 2.99 23.62
N GLY A 31 9.07 2.99 24.77
CA GLY A 31 9.51 2.19 25.90
C GLY A 31 10.38 3.02 26.83
N PHE A 32 10.50 4.31 26.50
CA PHE A 32 11.32 5.23 27.27
C PHE A 32 10.55 6.51 27.59
N TYR A 33 10.94 7.19 28.67
CA TYR A 33 10.41 8.51 28.95
C TYR A 33 11.56 9.46 29.27
N GLY A 34 11.25 10.66 29.73
CA GLY A 34 12.26 11.68 29.95
C GLY A 34 12.28 12.61 28.76
N GLU A 35 12.95 13.75 28.90
CA GLU A 35 12.87 14.79 27.89
C GLU A 35 13.57 14.39 26.59
N ASN A 36 14.41 13.37 26.66
CA ASN A 36 15.11 12.88 25.47
C ASN A 36 14.78 11.42 25.18
N CYS A 37 13.70 10.92 25.79
CA CYS A 37 13.31 9.52 25.66
C CYS A 37 14.46 8.57 25.99
N SER A 38 15.19 8.89 27.06
CA SER A 38 16.37 8.10 27.41
C SER A 38 16.22 7.43 28.77
N THR A 39 15.05 7.55 29.38
CA THR A 39 14.81 6.86 30.64
C THR A 39 13.89 5.66 30.42
N PRO A 40 14.44 4.45 30.56
CA PRO A 40 13.69 3.22 30.31
C PRO A 40 12.60 3.02 31.34
N GLU A 41 11.35 2.85 30.91
CA GLU A 41 10.32 2.51 31.88
C GLU A 41 10.59 1.09 32.37
N PHE A 42 10.06 0.75 33.53
CA PHE A 42 10.45 -0.47 34.26
C PHE A 42 10.55 -1.72 33.40
N LEU A 43 9.55 -1.95 32.56
CA LEU A 43 9.50 -3.16 31.74
C LEU A 43 10.62 -3.19 30.70
N THR A 44 11.08 -2.02 30.29
CA THR A 44 12.15 -1.93 29.31
C THR A 44 13.49 -2.28 29.95
N ARG A 45 13.66 -1.94 31.22
CA ARG A 45 14.85 -2.31 31.98
C ARG A 45 15.01 -3.83 32.00
N ILE A 46 13.89 -4.54 32.11
CA ILE A 46 13.90 -5.98 32.10
C ILE A 46 14.36 -6.51 30.74
N LYS A 47 13.68 -6.08 29.69
CA LYS A 47 14.00 -6.51 28.33
C LYS A 47 15.45 -6.19 27.99
N LEU A 48 15.89 -4.98 28.34
CA LEU A 48 17.24 -4.54 28.04
C LEU A 48 18.30 -5.41 28.72
N PHE A 49 18.06 -5.74 29.98
CA PHE A 49 19.02 -6.54 30.73
C PHE A 49 19.11 -7.95 30.16
N LEU A 50 17.98 -8.46 29.67
CA LEU A 50 17.91 -9.82 29.16
C LEU A 50 18.25 -9.90 27.68
N LYS A 51 18.13 -8.78 26.97
CA LYS A 51 18.45 -8.73 25.54
C LYS A 51 19.93 -9.03 25.31
N PRO A 52 20.24 -10.12 24.59
CA PRO A 52 21.62 -10.47 24.29
C PRO A 52 22.17 -9.68 23.10
N THR A 53 23.45 -9.34 23.14
CA THR A 53 24.07 -8.56 22.08
C THR A 53 24.03 -9.31 20.75
N PRO A 54 24.02 -8.56 19.62
CA PRO A 54 24.01 -9.19 18.30
C PRO A 54 25.21 -10.10 18.08
N ASN A 55 26.38 -9.73 18.60
CA ASN A 55 27.56 -10.56 18.42
C ASN A 55 27.47 -11.85 19.23
N THR A 56 26.75 -11.78 20.35
CA THR A 56 26.45 -12.98 21.14
C THR A 56 25.53 -13.93 20.39
N VAL A 57 24.46 -13.38 19.84
CA VAL A 57 23.48 -14.16 19.10
C VAL A 57 24.06 -14.72 17.82
N HIS A 58 24.88 -13.92 17.16
CA HIS A 58 25.59 -14.38 15.96
C HIS A 58 26.46 -15.58 16.27
N TYR A 59 27.16 -15.51 17.39
CA TYR A 59 28.01 -16.63 17.82
C TYR A 59 27.20 -17.91 18.01
N ILE A 60 26.07 -17.81 18.69
CA ILE A 60 25.24 -18.96 18.98
C ILE A 60 24.68 -19.58 17.70
N LEU A 61 24.25 -18.73 16.78
CA LEU A 61 23.71 -19.18 15.50
C LEU A 61 24.79 -19.76 14.59
N THR A 62 26.04 -19.46 14.88
CA THR A 62 27.12 -19.86 13.99
C THR A 62 28.03 -20.91 14.64
N HIS A 63 27.59 -21.42 15.79
CA HIS A 63 28.27 -22.52 16.47
C HIS A 63 27.27 -23.59 16.87
N PHE A 64 27.73 -24.60 17.61
CA PHE A 64 26.90 -25.68 18.10
C PHE A 64 26.11 -26.33 16.96
N LYS A 65 26.83 -26.84 15.97
CA LYS A 65 26.22 -27.36 14.76
C LYS A 65 25.34 -28.58 15.02
N GLY A 66 25.76 -29.44 15.94
CA GLY A 66 24.99 -30.61 16.31
C GLY A 66 23.64 -30.22 16.87
N PHE A 67 23.63 -29.21 17.73
CA PHE A 67 22.40 -28.68 18.30
C PHE A 67 21.45 -28.15 17.22
N TRP A 68 21.99 -27.42 16.25
CA TRP A 68 21.17 -26.86 15.18
C TRP A 68 20.67 -27.95 14.25
N ASN A 69 21.46 -29.00 14.09
CA ASN A 69 21.05 -30.12 13.25
C ASN A 69 19.82 -30.80 13.83
N VAL A 70 19.67 -30.74 15.15
CA VAL A 70 18.49 -31.27 15.81
C VAL A 70 17.32 -30.32 15.64
N VAL A 71 17.55 -29.03 15.93
CA VAL A 71 16.52 -28.01 15.81
C VAL A 71 15.96 -27.94 14.39
N ASN A 72 16.85 -28.04 13.41
CA ASN A 72 16.45 -27.97 12.01
C ASN A 72 15.47 -29.08 11.64
N ASN A 73 15.50 -30.17 12.39
CA ASN A 73 14.73 -31.35 12.02
C ASN A 73 13.50 -31.60 12.89
N ILE A 74 13.20 -30.67 13.78
CA ILE A 74 11.93 -30.70 14.47
C ILE A 74 11.18 -29.41 14.15
N PRO A 75 10.27 -29.50 13.16
CA PRO A 75 9.55 -28.36 12.55
C PRO A 75 9.02 -27.37 13.57
N PHE A 76 8.51 -27.85 14.69
CA PHE A 76 8.00 -26.98 15.75
C PHE A 76 9.05 -25.98 16.21
N LEU A 77 10.26 -26.46 16.45
CA LEU A 77 11.36 -25.59 16.86
C LEU A 77 11.80 -24.69 15.72
N ARG A 78 11.96 -25.27 14.54
CA ARG A 78 12.40 -24.52 13.37
C ARG A 78 11.38 -23.43 13.03
N ASN A 79 10.10 -23.76 13.14
CA ASN A 79 9.05 -22.78 12.88
C ASN A 79 9.08 -21.67 13.93
N ALA A 80 9.21 -22.05 15.18
CA ALA A 80 9.21 -21.09 16.29
C ALA A 80 10.37 -20.12 16.17
N ILE A 81 11.55 -20.64 15.83
CA ILE A 81 12.74 -19.81 15.72
C ILE A 81 12.65 -18.89 14.50
N MET A 82 12.26 -19.44 13.35
CA MET A 82 12.14 -18.62 12.16
C MET A 82 11.12 -17.50 12.37
N SER A 83 10.07 -17.80 13.15
CA SER A 83 9.05 -16.82 13.46
C SER A 83 9.63 -15.63 14.21
N TYR A 84 10.35 -15.91 15.30
CA TYR A 84 10.94 -14.83 16.09
C TYR A 84 11.91 -14.01 15.25
N VAL A 85 12.69 -14.68 14.40
CA VAL A 85 13.57 -14.00 13.46
C VAL A 85 12.79 -12.99 12.63
N LEU A 86 11.69 -13.44 12.03
CA LEU A 86 10.88 -12.58 11.16
C LEU A 86 10.30 -11.38 11.91
N THR A 87 9.63 -11.64 13.03
CA THR A 87 8.92 -10.58 13.74
C THR A 87 9.84 -9.56 14.41
N SER A 88 10.90 -10.04 15.07
CA SER A 88 11.83 -9.12 15.73
C SER A 88 12.63 -8.27 14.73
N ARG A 89 12.95 -8.83 13.56
CA ARG A 89 13.64 -8.08 12.51
C ARG A 89 12.77 -6.97 11.93
N SER A 90 11.61 -7.34 11.41
CA SER A 90 10.77 -6.39 10.69
C SER A 90 10.17 -5.34 11.61
N HIS A 91 10.16 -5.63 12.91
CA HIS A 91 9.71 -4.68 13.92
C HIS A 91 10.51 -3.36 13.90
N LEU A 92 11.68 -3.40 13.26
CA LEU A 92 12.54 -2.22 13.18
C LEU A 92 12.22 -1.33 11.99
N ILE A 93 11.27 -1.76 11.16
CA ILE A 93 10.89 -0.98 9.99
C ILE A 93 9.57 -0.27 10.23
N ASP A 94 9.51 1.02 9.89
CA ASP A 94 8.26 1.76 9.93
C ASP A 94 7.36 1.33 8.77
N SER A 95 6.16 0.88 9.10
CA SER A 95 5.21 0.45 8.08
C SER A 95 3.78 0.71 8.55
N PRO A 96 3.03 1.58 7.85
CA PRO A 96 3.30 2.38 6.64
C PRO A 96 4.51 3.30 6.78
N PRO A 97 5.12 3.69 5.65
CA PRO A 97 6.39 4.41 5.73
C PRO A 97 6.19 5.87 6.16
N THR A 98 7.27 6.52 6.51
CA THR A 98 7.21 7.86 7.05
C THR A 98 7.99 8.85 6.19
N TYR A 99 9.27 9.04 6.52
CA TYR A 99 10.07 10.12 5.93
C TYR A 99 10.60 9.82 4.52
N ASN A 100 11.01 10.87 3.83
CA ASN A 100 11.83 10.76 2.62
C ASN A 100 12.84 11.90 2.61
N ALA A 101 13.56 12.06 1.50
CA ALA A 101 14.61 13.07 1.43
C ALA A 101 14.12 14.49 1.68
N ASP A 102 12.87 14.77 1.31
CA ASP A 102 12.34 16.13 1.39
C ASP A 102 11.56 16.40 2.67
N TYR A 103 11.36 15.38 3.50
CA TYR A 103 10.53 15.56 4.70
C TYR A 103 11.12 14.88 5.93
N GLY A 104 11.54 15.69 6.89
CA GLY A 104 12.03 15.22 8.17
C GLY A 104 10.91 15.26 9.20
N TYR A 105 9.68 15.44 8.71
CA TYR A 105 8.50 15.33 9.54
C TYR A 105 7.46 14.55 8.75
N LYS A 106 6.50 13.97 9.45
CA LYS A 106 5.46 13.19 8.79
C LYS A 106 4.62 14.09 7.92
N SER A 107 4.35 13.65 6.69
CA SER A 107 3.57 14.44 5.75
C SER A 107 2.88 13.55 4.74
N TRP A 108 1.75 13.99 4.22
CA TRP A 108 1.02 13.19 3.25
C TRP A 108 1.79 13.06 1.94
N GLU A 109 2.62 14.06 1.64
CA GLU A 109 3.45 14.01 0.44
C GLU A 109 4.45 12.88 0.56
N ALA A 110 5.09 12.80 1.73
CA ALA A 110 6.06 11.74 2.00
C ALA A 110 5.38 10.38 2.03
N PHE A 111 4.16 10.31 2.60
CA PHE A 111 3.48 9.03 2.63
C PHE A 111 3.04 8.57 1.25
N SER A 112 2.40 9.45 0.50
CA SER A 112 1.71 9.03 -0.71
C SER A 112 2.53 9.01 -2.00
N ASN A 113 3.63 9.75 -2.08
CA ASN A 113 4.37 9.85 -3.32
C ASN A 113 5.36 8.69 -3.49
N LEU A 114 5.00 7.75 -4.37
CA LEU A 114 5.73 6.50 -4.53
C LEU A 114 7.04 6.69 -5.29
N SER A 115 7.27 7.88 -5.83
CA SER A 115 8.47 8.15 -6.62
C SER A 115 9.70 8.31 -5.74
N TYR A 116 9.48 8.50 -4.44
CA TYR A 116 10.58 8.67 -3.49
C TYR A 116 10.96 7.35 -2.87
N TYR A 117 12.25 7.16 -2.64
CA TYR A 117 12.68 6.19 -1.63
C TYR A 117 12.16 6.70 -0.31
N THR A 118 11.81 5.81 0.60
CA THR A 118 11.51 6.26 1.95
C THR A 118 12.81 6.34 2.72
N ARG A 119 12.73 6.75 3.98
CA ARG A 119 13.93 6.96 4.77
C ARG A 119 13.79 6.36 6.16
N ALA A 120 14.80 5.60 6.58
CA ALA A 120 14.80 4.98 7.90
C ALA A 120 15.07 6.04 8.96
N LEU A 121 15.86 7.05 8.58
CA LEU A 121 16.07 8.21 9.41
C LEU A 121 15.78 9.45 8.59
N PRO A 122 15.16 10.46 9.20
CA PRO A 122 14.88 11.72 8.50
C PRO A 122 16.16 12.39 8.07
N PRO A 123 16.08 13.20 7.00
CA PRO A 123 17.23 13.99 6.56
C PRO A 123 17.69 14.93 7.66
N VAL A 124 18.96 15.30 7.66
CA VAL A 124 19.43 16.35 8.52
C VAL A 124 18.78 17.65 8.07
N PRO A 125 18.18 18.41 9.00
CA PRO A 125 17.60 19.72 8.69
C PRO A 125 18.57 20.59 7.89
N ASP A 126 18.03 21.44 7.03
CA ASP A 126 18.86 22.12 6.02
C ASP A 126 19.86 23.12 6.60
N ASP A 127 19.51 23.77 7.71
CA ASP A 127 20.40 24.78 8.29
C ASP A 127 20.90 24.38 9.68
N CYS A 128 21.88 23.49 9.71
CA CYS A 128 22.48 23.04 10.97
C CYS A 128 23.92 23.53 11.08
N PRO A 129 24.49 23.53 12.29
CA PRO A 129 25.88 23.96 12.45
C PRO A 129 26.86 23.12 11.63
N THR A 130 26.61 21.82 11.51
CA THR A 130 27.45 20.92 10.71
C THR A 130 26.57 20.07 9.79
N PRO A 131 27.13 19.61 8.66
CA PRO A 131 26.39 18.83 7.66
C PRO A 131 25.62 17.62 8.20
N LEU A 132 26.10 17.01 9.28
CA LEU A 132 25.43 15.85 9.86
C LEU A 132 24.55 16.24 11.05
N GLY A 133 24.61 17.51 11.43
CA GLY A 133 23.85 18.00 12.57
C GLY A 133 24.66 18.99 13.39
N VAL A 134 25.28 18.50 14.46
CA VAL A 134 26.12 19.34 15.31
C VAL A 134 27.51 18.75 15.51
N LYS A 135 27.67 17.47 15.17
CA LYS A 135 28.96 16.80 15.31
C LYS A 135 29.79 16.95 14.03
N GLY A 136 31.11 16.84 14.17
CA GLY A 136 32.01 16.90 13.03
C GLY A 136 32.42 18.30 12.62
N LYS A 137 33.31 18.38 11.64
CA LYS A 137 33.81 19.66 11.14
C LYS A 137 32.78 20.34 10.25
N LYS A 138 32.98 21.63 10.00
CA LYS A 138 32.03 22.44 9.24
C LYS A 138 31.82 21.91 7.83
N GLN A 139 32.85 21.27 7.29
CA GLN A 139 32.74 20.65 5.98
C GLN A 139 33.20 19.20 6.04
N LEU A 140 32.48 18.32 5.36
CA LEU A 140 32.83 16.91 5.32
C LEU A 140 34.07 16.69 4.46
N PRO A 141 34.83 15.63 4.72
CA PRO A 141 36.05 15.40 3.94
C PRO A 141 35.76 15.18 2.45
N ASP A 142 36.76 15.47 1.61
CA ASP A 142 36.68 15.20 0.19
C ASP A 142 36.37 13.71 -0.04
N SER A 143 35.26 13.45 -0.73
CA SER A 143 34.81 12.09 -0.95
C SER A 143 35.85 11.26 -1.72
N ASN A 144 36.59 11.92 -2.61
CA ASN A 144 37.61 11.24 -3.39
C ASN A 144 38.72 10.73 -2.48
N GLU A 145 39.17 11.57 -1.56
CA GLU A 145 40.19 11.16 -0.61
C GLU A 145 39.70 10.00 0.26
N ILE A 146 38.42 10.00 0.61
CA ILE A 146 37.85 8.91 1.37
C ILE A 146 37.97 7.59 0.59
N VAL A 147 37.56 7.63 -0.67
CA VAL A 147 37.60 6.44 -1.52
C VAL A 147 39.04 5.91 -1.72
N GLU A 148 39.98 6.81 -1.95
CA GLU A 148 41.36 6.39 -2.22
C GLU A 148 42.04 5.81 -0.98
N LYS A 149 41.86 6.47 0.16
CA LYS A 149 42.57 6.10 1.38
C LYS A 149 41.95 4.92 2.14
N LEU A 150 40.66 4.69 1.97
CA LEU A 150 39.96 3.72 2.80
C LEU A 150 39.28 2.61 2.00
N LEU A 151 38.93 2.90 0.75
CA LEU A 151 38.03 2.02 0.02
C LEU A 151 38.66 1.29 -1.16
N LEU A 152 39.55 1.96 -1.89
CA LEU A 152 40.11 1.38 -3.10
C LEU A 152 40.97 0.12 -2.82
N ARG A 153 40.78 -0.88 -3.65
CA ARG A 153 41.49 -2.14 -3.55
C ARG A 153 42.94 -2.04 -3.98
N ARG A 154 43.84 -2.50 -3.12
CA ARG A 154 45.25 -2.63 -3.48
C ARG A 154 45.50 -4.05 -3.98
N LYS A 155 45.24 -5.02 -3.11
CA LYS A 155 45.24 -6.43 -3.49
C LYS A 155 43.84 -6.98 -3.30
N PHE A 156 43.40 -7.81 -4.24
CA PHE A 156 42.11 -8.47 -4.12
C PHE A 156 42.03 -9.22 -2.79
N ILE A 157 41.00 -8.91 -2.01
CA ILE A 157 40.75 -9.63 -0.76
C ILE A 157 39.56 -10.55 -0.95
N PRO A 158 39.82 -11.86 -1.04
CA PRO A 158 38.75 -12.84 -1.25
C PRO A 158 37.81 -12.90 -0.07
N ASP A 159 36.54 -13.19 -0.33
CA ASP A 159 35.58 -13.38 0.75
C ASP A 159 35.91 -14.67 1.50
N PRO A 160 36.17 -14.56 2.82
CA PRO A 160 36.41 -15.75 3.64
C PRO A 160 35.21 -16.70 3.66
N GLN A 161 34.01 -16.17 3.46
CA GLN A 161 32.79 -16.99 3.48
C GLN A 161 32.62 -17.76 2.17
N GLY A 162 33.49 -17.50 1.21
CA GLY A 162 33.48 -18.26 -0.02
C GLY A 162 32.43 -17.88 -1.04
N SER A 163 31.84 -16.69 -0.91
CA SER A 163 30.86 -16.22 -1.90
C SER A 163 31.47 -16.21 -3.28
N ASN A 164 30.71 -16.65 -4.28
CA ASN A 164 31.20 -16.70 -5.64
C ASN A 164 30.49 -15.69 -6.54
N MET A 165 30.70 -15.83 -7.84
CA MET A 165 30.13 -14.91 -8.81
C MET A 165 28.65 -15.16 -9.06
N MET A 166 28.19 -16.39 -8.82
CA MET A 166 26.76 -16.68 -8.88
C MET A 166 26.06 -15.87 -7.82
N PHE A 167 26.70 -15.76 -6.66
CA PHE A 167 26.16 -14.95 -5.57
C PHE A 167 26.18 -13.46 -5.94
N ALA A 168 27.33 -12.99 -6.40
CA ALA A 168 27.51 -11.58 -6.72
C ALA A 168 26.50 -11.12 -7.76
N PHE A 169 26.34 -11.91 -8.82
CA PHE A 169 25.45 -11.48 -9.91
C PHE A 169 23.99 -11.67 -9.54
N PHE A 170 23.71 -12.65 -8.69
CA PHE A 170 22.34 -12.81 -8.18
C PHE A 170 21.94 -11.59 -7.39
N ALA A 171 22.85 -11.13 -6.53
CA ALA A 171 22.62 -9.96 -5.70
C ALA A 171 22.32 -8.74 -6.57
N GLN A 172 23.18 -8.49 -7.54
CA GLN A 172 22.95 -7.38 -8.46
C GLN A 172 21.63 -7.55 -9.21
N HIS A 173 21.38 -8.73 -9.75
CA HIS A 173 20.20 -8.95 -10.58
C HIS A 173 18.90 -8.85 -9.77
N PHE A 174 18.87 -9.48 -8.61
CA PHE A 174 17.71 -9.47 -7.73
C PHE A 174 17.34 -8.08 -7.21
N THR A 175 18.32 -7.39 -6.64
CA THR A 175 18.07 -6.11 -5.97
C THR A 175 17.75 -4.96 -6.93
N HIS A 176 18.14 -5.10 -8.18
CA HIS A 176 17.93 -4.04 -9.15
C HIS A 176 16.50 -4.01 -9.70
N GLN A 177 15.62 -4.82 -9.13
CA GLN A 177 14.21 -4.66 -9.45
C GLN A 177 13.60 -3.65 -8.47
N PHE A 178 14.25 -3.41 -7.34
CA PHE A 178 13.73 -2.40 -6.42
C PHE A 178 14.75 -1.31 -6.08
N PHE A 179 16.00 -1.49 -6.48
CA PHE A 179 16.93 -0.36 -6.50
C PHE A 179 17.05 0.13 -7.93
N LYS A 180 16.16 1.04 -8.30
CA LYS A 180 16.17 1.60 -9.65
C LYS A 180 16.15 3.12 -9.57
N THR A 181 17.29 3.65 -9.13
CA THR A 181 17.42 5.07 -8.87
C THR A 181 17.20 5.87 -10.16
N ASP A 182 16.32 6.85 -10.08
CA ASP A 182 15.96 7.70 -11.21
C ASP A 182 16.84 8.95 -11.21
N HIS A 183 18.05 8.83 -11.73
CA HIS A 183 19.03 9.90 -11.65
C HIS A 183 18.64 11.11 -12.51
N LYS A 184 17.66 10.92 -13.38
CA LYS A 184 17.14 12.02 -14.20
C LYS A 184 16.44 13.07 -13.33
N ARG A 185 15.99 12.69 -12.13
CA ARG A 185 15.41 13.68 -11.23
C ARG A 185 16.13 13.76 -9.88
N GLY A 186 16.96 12.77 -9.57
CA GLY A 186 17.76 12.80 -8.36
C GLY A 186 17.86 11.49 -7.62
N PRO A 187 18.90 11.34 -6.79
CA PRO A 187 19.16 10.11 -6.03
C PRO A 187 18.06 9.78 -5.02
N ALA A 188 17.22 10.75 -4.70
CA ALA A 188 16.13 10.52 -3.76
C ALA A 188 14.97 9.76 -4.40
N PHE A 189 15.03 9.54 -5.71
CA PHE A 189 13.88 9.04 -6.46
C PHE A 189 14.10 7.68 -7.09
N THR A 190 13.03 6.89 -7.14
CA THR A 190 13.06 5.56 -7.74
C THR A 190 12.10 5.41 -8.91
N ASN A 191 12.48 4.55 -9.87
CA ASN A 191 11.59 4.18 -10.98
C ASN A 191 10.81 2.90 -10.69
N GLY A 192 11.08 2.27 -9.54
CA GLY A 192 10.42 1.04 -9.17
C GLY A 192 9.24 1.28 -8.24
N LEU A 193 8.08 1.59 -8.81
CA LEU A 193 6.93 2.03 -8.03
C LEU A 193 6.23 0.88 -7.30
N GLY A 194 6.53 -0.35 -7.67
CA GLY A 194 6.06 -1.49 -6.91
C GLY A 194 6.76 -1.63 -5.56
N HIS A 195 7.91 -0.98 -5.44
CA HIS A 195 8.69 -0.94 -4.20
C HIS A 195 8.89 -2.32 -3.56
N GLY A 196 9.19 -3.33 -4.38
CA GLY A 196 9.44 -4.65 -3.84
C GLY A 196 9.75 -5.69 -4.90
N VAL A 197 9.54 -6.95 -4.55
CA VAL A 197 9.79 -8.06 -5.45
C VAL A 197 8.57 -8.27 -6.35
N ASP A 198 8.47 -7.49 -7.42
CA ASP A 198 7.36 -7.65 -8.35
C ASP A 198 7.85 -8.22 -9.67
N LEU A 199 9.16 -8.41 -9.76
CA LEU A 199 9.83 -9.01 -10.92
C LEU A 199 9.71 -8.15 -12.17
N ASN A 200 9.65 -6.84 -11.98
CA ASN A 200 9.60 -5.89 -13.08
C ASN A 200 10.88 -5.94 -13.91
N HIS A 201 11.95 -6.47 -13.33
CA HIS A 201 13.21 -6.62 -14.04
C HIS A 201 13.15 -7.77 -15.04
N ILE A 202 12.10 -8.58 -14.94
CA ILE A 202 11.81 -9.60 -15.94
C ILE A 202 10.68 -9.14 -16.87
N TYR A 203 9.61 -8.62 -16.27
CA TYR A 203 8.37 -8.36 -17.00
C TYR A 203 8.17 -6.92 -17.46
N GLY A 204 9.02 -6.01 -16.99
CA GLY A 204 8.83 -4.62 -17.31
C GLY A 204 8.05 -3.88 -16.23
N GLU A 205 8.41 -2.62 -16.03
CA GLU A 205 7.82 -1.78 -14.99
C GLU A 205 6.40 -1.35 -15.38
N THR A 206 6.20 -1.06 -16.65
CA THR A 206 4.92 -0.61 -17.15
C THR A 206 4.24 -1.66 -18.01
N LEU A 207 2.93 -1.53 -18.15
CA LEU A 207 2.13 -2.43 -18.97
C LEU A 207 2.59 -2.40 -20.43
N ALA A 208 2.88 -1.20 -20.90
CA ALA A 208 3.33 -1.00 -22.28
C ALA A 208 4.59 -1.81 -22.60
N ARG A 209 5.55 -1.78 -21.69
CA ARG A 209 6.79 -2.52 -21.88
C ARG A 209 6.53 -4.03 -21.81
N GLN A 210 5.68 -4.44 -20.86
CA GLN A 210 5.31 -5.84 -20.71
C GLN A 210 4.70 -6.42 -21.98
N ARG A 211 3.89 -5.61 -22.66
CA ARG A 211 3.25 -6.05 -23.88
C ARG A 211 4.24 -6.21 -25.03
N LYS A 212 5.35 -5.48 -24.96
CA LYS A 212 6.41 -5.58 -25.97
C LYS A 212 7.21 -6.87 -25.79
N LEU A 213 7.28 -7.34 -24.55
CA LEU A 213 8.12 -8.47 -24.21
C LEU A 213 7.36 -9.79 -24.26
N ARG A 214 6.03 -9.72 -24.21
CA ARG A 214 5.20 -10.92 -24.19
C ARG A 214 4.94 -11.49 -25.59
N LEU A 215 4.82 -12.81 -25.67
CA LEU A 215 4.55 -13.50 -26.93
C LEU A 215 3.05 -13.50 -27.25
N PHE A 216 2.24 -13.44 -26.19
CA PHE A 216 0.77 -13.50 -26.27
C PHE A 216 0.29 -14.82 -26.86
N LYS A 217 1.07 -15.87 -26.62
CA LYS A 217 0.66 -17.24 -26.88
C LYS A 217 1.13 -18.08 -25.70
N ASP A 218 0.20 -18.82 -25.10
CA ASP A 218 0.51 -19.75 -24.01
C ASP A 218 1.09 -19.06 -22.76
N GLY A 219 0.87 -17.75 -22.64
CA GLY A 219 1.32 -17.02 -21.46
C GLY A 219 2.79 -16.67 -21.50
N LYS A 220 3.44 -17.02 -22.61
CA LYS A 220 4.89 -16.99 -22.70
C LYS A 220 5.48 -15.62 -23.05
N MET A 221 6.77 -15.49 -22.77
CA MET A 221 7.52 -14.31 -23.13
C MET A 221 8.34 -14.57 -24.39
N LYS A 222 8.47 -13.56 -25.24
CA LYS A 222 9.21 -13.71 -26.48
C LYS A 222 10.64 -14.14 -26.22
N TYR A 223 11.22 -14.84 -27.19
CA TYR A 223 12.58 -15.36 -27.07
C TYR A 223 13.13 -15.63 -28.46
N GLN A 224 14.42 -15.90 -28.55
CA GLN A 224 15.01 -16.39 -29.79
C GLN A 224 15.80 -17.64 -29.47
N ILE A 225 16.03 -18.49 -30.48
CA ILE A 225 16.75 -19.74 -30.29
C ILE A 225 18.11 -19.72 -30.96
N ILE A 226 19.16 -19.60 -30.15
CA ILE A 226 20.53 -19.62 -30.65
C ILE A 226 21.21 -20.91 -30.18
N ASP A 227 21.75 -21.67 -31.13
CA ASP A 227 22.42 -22.94 -30.83
C ASP A 227 21.52 -23.93 -30.08
N GLY A 228 20.24 -23.92 -30.41
CA GLY A 228 19.28 -24.83 -29.79
C GLY A 228 18.87 -24.43 -28.40
N GLU A 229 19.35 -23.26 -27.96
CA GLU A 229 19.10 -22.80 -26.59
C GLU A 229 18.31 -21.49 -26.59
N MET A 230 17.56 -21.26 -25.53
CA MET A 230 16.65 -20.12 -25.44
C MET A 230 17.31 -18.86 -24.86
N TYR A 231 17.21 -17.76 -25.59
CA TYR A 231 17.72 -16.47 -25.13
C TYR A 231 16.65 -15.38 -25.25
N PRO A 232 16.82 -14.27 -24.52
CA PRO A 232 15.90 -13.14 -24.67
C PRO A 232 15.81 -12.67 -26.11
N PRO A 233 14.71 -11.97 -26.47
CA PRO A 233 14.54 -11.45 -27.82
C PRO A 233 15.34 -10.16 -28.03
N THR A 234 15.36 -9.66 -29.26
CA THR A 234 16.11 -8.44 -29.55
C THR A 234 15.29 -7.18 -29.33
N VAL A 235 15.97 -6.04 -29.25
CA VAL A 235 15.30 -4.76 -29.21
C VAL A 235 14.53 -4.57 -30.51
N LYS A 236 15.12 -5.04 -31.61
CA LYS A 236 14.51 -4.94 -32.92
C LYS A 236 13.16 -5.64 -32.98
N ASP A 237 13.08 -6.84 -32.42
CA ASP A 237 11.85 -7.62 -32.48
C ASP A 237 10.79 -7.17 -31.48
N THR A 238 11.20 -6.52 -30.39
CA THR A 238 10.26 -6.15 -29.34
C THR A 238 9.90 -4.68 -29.30
N GLN A 239 10.79 -3.83 -29.80
CA GLN A 239 10.67 -2.37 -29.68
C GLN A 239 10.78 -1.94 -28.23
N ALA A 240 11.28 -2.84 -27.39
CA ALA A 240 11.53 -2.53 -25.99
C ALA A 240 12.92 -1.92 -25.85
N GLU A 241 12.98 -0.65 -25.47
CA GLU A 241 14.25 0.05 -25.40
C GLU A 241 15.16 -0.51 -24.32
N MET A 242 16.46 -0.51 -24.62
CA MET A 242 17.48 -0.96 -23.70
C MET A 242 18.65 0.03 -23.73
N ILE A 243 19.47 0.01 -22.70
CA ILE A 243 20.66 0.85 -22.69
C ILE A 243 21.82 0.07 -23.27
N TYR A 244 22.23 0.47 -24.47
CA TYR A 244 23.38 -0.12 -25.15
C TYR A 244 24.17 0.95 -25.86
N PRO A 245 25.51 0.92 -25.71
CA PRO A 245 26.38 1.83 -26.47
C PRO A 245 26.23 1.58 -27.96
N PRO A 246 26.44 2.62 -28.78
CA PRO A 246 26.22 2.52 -30.24
C PRO A 246 26.93 1.33 -30.89
N GLN A 247 28.16 1.07 -30.45
CA GLN A 247 29.00 0.06 -31.07
C GLN A 247 28.50 -1.38 -30.86
N VAL A 248 27.48 -1.57 -30.03
CA VAL A 248 26.88 -2.88 -29.87
C VAL A 248 25.97 -3.19 -31.04
N PRO A 249 26.29 -4.24 -31.81
CA PRO A 249 25.49 -4.64 -32.97
C PRO A 249 24.09 -5.09 -32.55
N GLU A 250 23.10 -4.86 -33.41
CA GLU A 250 21.70 -4.98 -33.00
C GLU A 250 21.27 -6.42 -32.71
N HIS A 251 21.95 -7.41 -33.28
CA HIS A 251 21.57 -8.80 -33.03
C HIS A 251 22.01 -9.25 -31.65
N LEU A 252 22.84 -8.44 -31.00
CA LEU A 252 23.29 -8.72 -29.64
C LEU A 252 22.59 -7.82 -28.62
N ARG A 253 21.71 -6.96 -29.11
CA ARG A 253 20.95 -6.08 -28.22
C ARG A 253 19.74 -6.81 -27.65
N PHE A 254 19.98 -7.64 -26.65
CA PHE A 254 18.92 -8.39 -25.98
C PHE A 254 17.96 -7.48 -25.23
N ALA A 255 16.68 -7.82 -25.28
CA ALA A 255 15.65 -7.04 -24.62
C ALA A 255 15.05 -7.80 -23.45
N VAL A 256 15.16 -7.22 -22.26
CA VAL A 256 14.65 -7.84 -21.04
C VAL A 256 13.96 -6.78 -20.20
N GLY A 257 13.30 -7.23 -19.13
CA GLY A 257 12.49 -6.34 -18.30
C GLY A 257 13.21 -5.10 -17.81
N GLN A 258 14.46 -5.26 -17.36
CA GLN A 258 15.23 -4.13 -16.85
C GLN A 258 16.12 -3.53 -17.93
N GLU A 259 15.97 -2.24 -18.16
CA GLU A 259 16.69 -1.50 -19.20
C GLU A 259 18.21 -1.62 -19.16
N VAL A 260 18.79 -1.90 -18.00
CA VAL A 260 20.24 -1.84 -17.86
C VAL A 260 20.90 -3.21 -17.76
N PHE A 261 20.14 -4.28 -17.87
CA PHE A 261 20.72 -5.62 -17.67
C PHE A 261 21.59 -6.08 -18.84
N GLY A 262 21.69 -5.27 -19.88
CA GLY A 262 22.64 -5.52 -20.96
C GLY A 262 24.02 -5.00 -20.61
N LEU A 263 24.14 -4.33 -19.47
CA LEU A 263 25.43 -3.77 -19.03
C LEU A 263 26.45 -4.86 -18.71
N VAL A 264 25.97 -5.96 -18.13
CA VAL A 264 26.85 -7.05 -17.71
C VAL A 264 26.32 -8.40 -18.14
N PRO A 265 27.17 -9.24 -18.73
CA PRO A 265 26.77 -10.60 -19.13
C PRO A 265 26.32 -11.45 -17.94
N GLY A 266 26.82 -11.14 -16.75
CA GLY A 266 26.37 -11.79 -15.54
C GLY A 266 24.90 -11.52 -15.27
N LEU A 267 24.46 -10.30 -15.53
CA LEU A 267 23.05 -9.95 -15.37
C LEU A 267 22.21 -10.60 -16.46
N MET A 268 22.70 -10.57 -17.69
CA MET A 268 21.98 -11.16 -18.81
C MET A 268 21.91 -12.68 -18.66
N MET A 269 22.87 -13.27 -17.95
CA MET A 269 22.82 -14.69 -17.62
C MET A 269 21.57 -14.98 -16.79
N TYR A 270 21.37 -14.23 -15.72
CA TYR A 270 20.21 -14.44 -14.86
C TYR A 270 18.89 -14.07 -15.54
N ALA A 271 18.91 -13.04 -16.36
CA ALA A 271 17.72 -12.67 -17.12
C ALA A 271 17.32 -13.82 -18.05
N THR A 272 18.32 -14.48 -18.62
CA THR A 272 18.07 -15.57 -19.53
C THR A 272 17.50 -16.78 -18.80
N ILE A 273 18.05 -17.08 -17.62
CA ILE A 273 17.57 -18.22 -16.85
C ILE A 273 16.13 -18.01 -16.36
N TRP A 274 15.85 -16.81 -15.85
CA TRP A 274 14.50 -16.49 -15.38
C TRP A 274 13.49 -16.44 -16.51
N LEU A 275 13.92 -15.99 -17.69
CA LEU A 275 13.07 -16.00 -18.87
C LEU A 275 12.70 -17.43 -19.27
N ARG A 276 13.67 -18.32 -19.25
CA ARG A 276 13.43 -19.74 -19.50
C ARG A 276 12.46 -20.32 -18.48
N GLU A 277 12.62 -19.89 -17.22
CA GLU A 277 11.82 -20.41 -16.14
C GLU A 277 10.36 -20.00 -16.29
N HIS A 278 10.14 -18.76 -16.71
CA HIS A 278 8.78 -18.29 -16.97
C HIS A 278 8.09 -19.17 -18.00
N ASN A 279 8.74 -19.36 -19.14
CA ASN A 279 8.15 -20.13 -20.22
C ASN A 279 8.07 -21.62 -19.88
N ARG A 280 8.90 -22.06 -18.93
CA ARG A 280 8.81 -23.43 -18.43
C ARG A 280 7.54 -23.61 -17.62
N VAL A 281 7.28 -22.67 -16.72
CA VAL A 281 6.10 -22.71 -15.86
C VAL A 281 4.81 -22.57 -16.70
N CYS A 282 4.89 -21.82 -17.79
CA CYS A 282 3.77 -21.73 -18.72
C CYS A 282 3.43 -23.12 -19.26
N ASP A 283 4.45 -23.86 -19.67
CA ASP A 283 4.26 -25.21 -20.20
C ASP A 283 3.64 -26.14 -19.17
N VAL A 284 4.07 -26.01 -17.92
CA VAL A 284 3.55 -26.84 -16.83
C VAL A 284 2.07 -26.52 -16.58
N LEU A 285 1.73 -25.24 -16.51
CA LEU A 285 0.36 -24.82 -16.23
C LEU A 285 -0.58 -25.15 -17.38
N LYS A 286 -0.10 -25.03 -18.62
CA LYS A 286 -0.91 -25.33 -19.78
C LYS A 286 -1.30 -26.80 -19.80
N GLN A 287 -0.37 -27.65 -19.37
CA GLN A 287 -0.65 -29.07 -19.27
C GLN A 287 -1.67 -29.32 -18.16
N GLU A 288 -1.59 -28.52 -17.11
CA GLU A 288 -2.50 -28.64 -15.98
C GLU A 288 -3.84 -27.95 -16.27
N HIS A 289 -3.81 -26.94 -17.14
CA HIS A 289 -5.02 -26.18 -17.49
C HIS A 289 -5.12 -25.92 -18.99
N PRO A 290 -5.50 -26.93 -19.77
CA PRO A 290 -5.61 -26.74 -21.22
C PRO A 290 -6.75 -25.80 -21.63
N GLU A 291 -7.62 -25.46 -20.69
CA GLU A 291 -8.74 -24.57 -20.96
C GLU A 291 -8.36 -23.11 -20.77
N TRP A 292 -7.21 -22.88 -20.14
CA TRP A 292 -6.76 -21.52 -19.84
C TRP A 292 -6.26 -20.77 -21.07
N GLY A 293 -6.49 -19.47 -21.10
CA GLY A 293 -6.00 -18.61 -22.17
C GLY A 293 -4.63 -18.02 -21.85
N ASP A 294 -4.08 -17.30 -22.82
CA ASP A 294 -2.73 -16.72 -22.68
C ASP A 294 -2.59 -15.75 -21.50
N GLU A 295 -3.60 -14.93 -21.24
CA GLU A 295 -3.50 -13.93 -20.16
C GLU A 295 -3.40 -14.58 -18.79
N GLN A 296 -4.26 -15.56 -18.51
CA GLN A 296 -4.23 -16.24 -17.21
C GLN A 296 -2.94 -17.06 -17.04
N LEU A 297 -2.47 -17.67 -18.14
CA LEU A 297 -1.22 -18.40 -18.11
C LEU A 297 -0.06 -17.48 -17.75
N PHE A 298 -0.09 -16.25 -18.29
CA PHE A 298 0.97 -15.29 -18.03
C PHE A 298 0.95 -14.81 -16.58
N GLN A 299 -0.22 -14.41 -16.10
CA GLN A 299 -0.33 -13.84 -14.77
C GLN A 299 0.01 -14.86 -13.70
N THR A 300 -0.46 -16.09 -13.88
CA THR A 300 -0.21 -17.14 -12.90
C THR A 300 1.28 -17.50 -12.84
N SER A 301 1.92 -17.68 -13.99
CA SER A 301 3.37 -17.89 -14.06
C SER A 301 4.13 -16.82 -13.29
N ARG A 302 3.73 -15.56 -13.48
CA ARG A 302 4.36 -14.43 -12.81
C ARG A 302 4.30 -14.54 -11.30
N LEU A 303 3.11 -14.85 -10.78
CA LEU A 303 2.90 -15.02 -9.35
C LEU A 303 3.76 -16.15 -8.79
N ILE A 304 3.84 -17.24 -9.55
CA ILE A 304 4.65 -18.37 -9.15
C ILE A 304 6.14 -18.00 -9.10
N LEU A 305 6.62 -17.31 -10.13
CA LEU A 305 8.03 -16.91 -10.17
C LEU A 305 8.37 -15.93 -9.06
N ILE A 306 7.42 -15.07 -8.70
CA ILE A 306 7.62 -14.19 -7.57
C ILE A 306 7.85 -15.02 -6.31
N GLY A 307 7.06 -16.08 -6.17
CA GLY A 307 7.19 -17.01 -5.06
C GLY A 307 8.50 -17.78 -5.05
N GLU A 308 8.93 -18.22 -6.22
CA GLU A 308 10.23 -18.87 -6.37
C GLU A 308 11.34 -17.95 -5.90
N THR A 309 11.32 -16.73 -6.40
CA THR A 309 12.30 -15.72 -6.06
C THR A 309 12.44 -15.57 -4.55
N ILE A 310 11.32 -15.27 -3.90
CA ILE A 310 11.31 -15.08 -2.45
C ILE A 310 11.83 -16.30 -1.70
N LYS A 311 11.41 -17.48 -2.14
CA LYS A 311 11.86 -18.75 -1.57
C LYS A 311 13.38 -18.90 -1.64
N ILE A 312 13.92 -18.63 -2.84
CA ILE A 312 15.34 -18.80 -3.09
C ILE A 312 16.17 -17.75 -2.33
N VAL A 313 15.65 -16.53 -2.24
CA VAL A 313 16.34 -15.47 -1.54
C VAL A 313 16.55 -15.83 -0.07
N ILE A 314 15.50 -16.34 0.56
CA ILE A 314 15.56 -16.67 1.97
C ILE A 314 16.38 -17.95 2.24
N GLU A 315 16.06 -19.01 1.50
CA GLU A 315 16.57 -20.33 1.87
C GLU A 315 17.92 -20.70 1.24
N ASP A 316 18.31 -20.01 0.17
CA ASP A 316 19.65 -20.20 -0.39
C ASP A 316 20.52 -18.96 -0.14
N TYR A 317 20.01 -17.79 -0.53
CA TYR A 317 20.78 -16.54 -0.60
C TYR A 317 21.06 -15.89 0.76
N VAL A 318 20.03 -15.58 1.51
CA VAL A 318 20.14 -15.02 2.84
C VAL A 318 20.78 -16.05 3.73
N GLN A 319 20.42 -17.30 3.50
CA GLN A 319 21.01 -18.43 4.19
C GLN A 319 22.52 -18.44 4.05
N HIS A 320 23.01 -18.17 2.84
CA HIS A 320 24.46 -18.21 2.60
C HIS A 320 25.20 -17.09 3.32
N LEU A 321 24.74 -15.87 3.13
CA LEU A 321 25.41 -14.76 3.73
C LEU A 321 25.34 -14.69 5.23
N SER A 322 24.35 -15.30 5.82
CA SER A 322 24.15 -15.32 7.27
C SER A 322 25.24 -16.13 7.96
N GLY A 323 25.59 -17.27 7.39
CA GLY A 323 26.56 -18.18 7.99
C GLY A 323 25.93 -19.03 9.09
N TYR A 324 24.61 -18.98 9.20
CA TYR A 324 23.90 -19.69 10.27
C TYR A 324 23.87 -21.19 10.04
N HIS A 325 24.06 -21.96 11.11
CA HIS A 325 23.83 -23.39 11.06
C HIS A 325 22.32 -23.67 11.07
N PHE A 326 21.55 -22.71 11.59
CA PHE A 326 20.09 -22.79 11.54
C PHE A 326 19.59 -22.62 10.11
N LYS A 327 18.62 -23.45 9.73
CA LYS A 327 18.11 -23.45 8.36
C LYS A 327 16.91 -22.50 8.23
N LEU A 328 17.14 -21.38 7.55
CA LEU A 328 16.07 -20.43 7.30
C LEU A 328 14.93 -21.06 6.49
N LYS A 329 13.71 -20.60 6.75
CA LYS A 329 12.53 -21.15 6.09
C LYS A 329 11.66 -20.07 5.48
N PHE A 330 11.27 -20.26 4.21
CA PHE A 330 10.23 -19.42 3.64
C PHE A 330 8.89 -20.07 3.91
N ASP A 331 8.11 -19.44 4.78
CA ASP A 331 6.80 -19.97 5.15
C ASP A 331 5.89 -18.84 5.61
N PRO A 332 5.07 -18.32 4.70
CA PRO A 332 4.15 -17.23 5.03
C PRO A 332 3.27 -17.51 6.24
N GLU A 333 2.93 -18.77 6.49
CA GLU A 333 2.02 -19.12 7.58
C GLU A 333 2.58 -18.77 8.96
N LEU A 334 3.89 -18.59 9.04
CA LEU A 334 4.53 -18.22 10.30
C LEU A 334 4.00 -16.92 10.88
N LEU A 335 3.46 -16.06 10.02
CA LEU A 335 3.03 -14.73 10.43
C LEU A 335 1.51 -14.57 10.55
N PHE A 336 0.76 -15.61 10.20
CA PHE A 336 -0.71 -15.52 10.19
C PHE A 336 -1.30 -15.30 11.57
N ASN A 337 -0.53 -15.58 12.62
CA ASN A 337 -1.00 -15.38 13.98
C ASN A 337 -0.31 -14.17 14.61
N LYS A 338 0.45 -13.44 13.81
CA LYS A 338 1.26 -12.33 14.29
C LYS A 338 0.75 -11.00 13.74
N GLN A 339 1.08 -9.90 14.42
CA GLN A 339 0.85 -8.57 13.86
C GLN A 339 1.88 -8.31 12.78
N PHE A 340 1.41 -8.05 11.56
CA PHE A 340 2.33 -7.83 10.45
C PHE A 340 1.64 -7.13 9.26
N GLN A 341 2.29 -6.07 8.76
CA GLN A 341 1.77 -5.31 7.62
C GLN A 341 2.30 -5.83 6.29
N TYR A 342 1.40 -6.21 5.39
CA TYR A 342 1.79 -6.69 4.07
C TYR A 342 1.91 -5.54 3.08
N GLN A 343 2.91 -4.71 3.31
CA GLN A 343 3.25 -3.62 2.42
C GLN A 343 4.67 -3.20 2.74
N ASN A 344 5.34 -2.56 1.79
CA ASN A 344 6.69 -2.11 2.03
C ASN A 344 7.05 -0.97 1.11
N ARG A 345 7.98 -0.13 1.53
CA ARG A 345 8.47 0.98 0.73
C ARG A 345 10.00 0.91 0.80
N ILE A 346 10.66 0.92 -0.35
CA ILE A 346 12.11 0.76 -0.40
C ILE A 346 12.81 1.96 0.22
N ALA A 347 13.67 1.70 1.19
CA ALA A 347 14.39 2.76 1.88
C ALA A 347 15.67 3.10 1.13
N ALA A 348 16.01 4.38 1.09
CA ALA A 348 17.23 4.83 0.41
C ALA A 348 18.49 4.27 1.08
N GLU A 349 18.44 4.13 2.40
CA GLU A 349 19.59 3.63 3.15
C GLU A 349 19.82 2.16 2.87
N PHE A 350 18.78 1.45 2.50
CA PHE A 350 18.87 0.04 2.16
C PHE A 350 19.60 -0.05 0.84
N ASN A 351 19.30 0.88 -0.05
CA ASN A 351 20.00 1.02 -1.31
C ASN A 351 21.48 1.27 -1.06
N THR A 352 21.78 2.29 -0.25
CA THR A 352 23.16 2.67 0.04
C THR A 352 23.97 1.50 0.57
N LEU A 353 23.49 0.83 1.60
CA LEU A 353 24.18 -0.30 2.17
C LEU A 353 24.33 -1.48 1.26
N TYR A 354 23.52 -1.58 0.23
CA TYR A 354 23.64 -2.66 -0.70
C TYR A 354 24.65 -2.34 -1.79
N HIS A 355 25.43 -1.28 -1.63
CA HIS A 355 26.48 -0.98 -2.60
C HIS A 355 27.70 -1.84 -2.32
N TRP A 356 27.61 -3.09 -2.69
CA TRP A 356 28.62 -4.09 -2.46
C TRP A 356 29.65 -4.29 -3.58
N HIS A 357 30.22 -3.21 -4.06
CA HIS A 357 31.21 -3.26 -5.14
CA HIS A 357 31.13 -3.40 -5.17
C HIS A 357 32.47 -4.05 -4.80
N PRO A 358 32.82 -4.12 -3.48
CA PRO A 358 34.00 -4.96 -3.22
C PRO A 358 33.84 -6.43 -3.65
N LEU A 359 32.61 -6.90 -3.79
CA LEU A 359 32.33 -8.24 -4.32
C LEU A 359 33.01 -8.48 -5.66
N LEU A 360 33.06 -7.42 -6.48
CA LEU A 360 33.56 -7.53 -7.85
C LEU A 360 35.01 -7.96 -7.90
N PRO A 361 35.34 -8.87 -8.84
CA PRO A 361 36.69 -9.39 -9.01
C PRO A 361 37.54 -8.51 -9.92
N ASP A 362 38.86 -8.71 -9.92
CA ASP A 362 39.75 -7.97 -10.80
C ASP A 362 39.48 -8.33 -12.26
N THR A 363 39.19 -9.60 -12.51
CA THR A 363 38.80 -10.06 -13.84
C THR A 363 37.69 -11.10 -13.74
N PHE A 364 37.03 -11.34 -14.85
CA PHE A 364 35.97 -12.34 -14.89
C PHE A 364 36.48 -13.58 -15.60
N GLN A 365 36.44 -14.70 -14.90
CA GLN A 365 36.94 -15.95 -15.45
C GLN A 365 35.79 -16.80 -15.95
N ILE A 366 35.74 -17.00 -17.26
CA ILE A 366 34.79 -17.94 -17.83
C ILE A 366 35.55 -18.98 -18.64
N HIS A 367 35.31 -20.24 -18.30
CA HIS A 367 36.05 -21.36 -18.87
C HIS A 367 37.56 -21.12 -18.66
N ASP A 368 38.31 -21.09 -19.75
CA ASP A 368 39.73 -20.81 -19.66
C ASP A 368 40.07 -19.40 -20.12
N GLN A 369 39.14 -18.46 -19.97
CA GLN A 369 39.38 -17.10 -20.42
C GLN A 369 39.17 -16.08 -19.31
N LYS A 370 39.95 -15.00 -19.35
CA LYS A 370 39.84 -13.91 -18.39
C LYS A 370 39.48 -12.61 -19.08
N TYR A 371 38.48 -11.92 -18.56
CA TYR A 371 38.06 -10.65 -19.14
C TYR A 371 38.21 -9.53 -18.13
N ASN A 372 38.79 -8.41 -18.57
CA ASN A 372 38.79 -7.21 -17.74
C ASN A 372 37.44 -6.51 -17.92
N TYR A 373 37.25 -5.38 -17.24
CA TYR A 373 35.96 -4.69 -17.29
C TYR A 373 35.66 -4.11 -18.65
N GLN A 374 36.70 -3.63 -19.32
CA GLN A 374 36.55 -3.08 -20.67
C GLN A 374 36.01 -4.12 -21.62
N GLN A 375 36.43 -5.38 -21.42
CA GLN A 375 36.06 -6.47 -22.32
C GLN A 375 34.71 -7.09 -21.97
N PHE A 376 34.40 -7.13 -20.67
CA PHE A 376 33.21 -7.80 -20.17
C PHE A 376 31.95 -6.95 -20.38
N ILE A 377 32.09 -5.65 -20.22
CA ILE A 377 30.95 -4.73 -20.19
C ILE A 377 30.22 -4.66 -21.52
N TYR A 378 28.89 -4.73 -21.45
CA TYR A 378 28.00 -4.67 -22.62
C TYR A 378 28.37 -5.69 -23.70
N ASN A 379 29.00 -6.79 -23.30
CA ASN A 379 29.45 -7.77 -24.27
C ASN A 379 28.65 -9.07 -24.17
N ASN A 380 27.51 -9.10 -24.83
CA ASN A 380 26.63 -10.27 -24.81
C ASN A 380 27.16 -11.42 -25.65
N SER A 381 28.10 -11.14 -26.55
CA SER A 381 28.65 -12.20 -27.40
C SER A 381 29.49 -13.16 -26.57
N ILE A 382 30.01 -12.67 -25.44
CA ILE A 382 30.68 -13.51 -24.47
C ILE A 382 29.71 -14.56 -23.94
N LEU A 383 28.48 -14.13 -23.66
CA LEU A 383 27.43 -15.02 -23.19
C LEU A 383 27.10 -16.07 -24.25
N LEU A 384 27.10 -15.66 -25.52
CA LEU A 384 26.78 -16.58 -26.59
C LEU A 384 27.92 -17.55 -26.89
N GLU A 385 29.14 -17.04 -26.81
CA GLU A 385 30.33 -17.86 -27.06
C GLU A 385 30.39 -19.06 -26.12
N HIS A 386 30.21 -18.82 -24.83
CA HIS A 386 30.35 -19.86 -23.83
C HIS A 386 29.05 -20.61 -23.54
N GLY A 387 27.94 -19.89 -23.56
CA GLY A 387 26.66 -20.48 -23.21
C GLY A 387 26.43 -20.44 -21.72
N ILE A 388 25.17 -20.63 -21.31
CA ILE A 388 24.79 -20.48 -19.92
C ILE A 388 25.41 -21.55 -19.01
N THR A 389 25.49 -22.78 -19.50
CA THR A 389 26.05 -23.88 -18.71
C THR A 389 27.46 -23.53 -18.23
N GLN A 390 28.33 -23.23 -19.17
CA GLN A 390 29.70 -22.84 -18.89
C GLN A 390 29.77 -21.63 -17.96
N PHE A 391 28.86 -20.68 -18.16
CA PHE A 391 28.75 -19.50 -17.32
C PHE A 391 28.50 -19.86 -15.86
N VAL A 392 27.56 -20.77 -15.64
CA VAL A 392 27.23 -21.24 -14.31
C VAL A 392 28.41 -21.98 -13.68
N GLU A 393 29.01 -22.88 -14.46
CA GLU A 393 30.12 -23.68 -13.97
C GLU A 393 31.32 -22.82 -13.57
N SER A 394 31.59 -21.78 -14.37
CA SER A 394 32.68 -20.87 -14.09
C SER A 394 32.38 -19.94 -12.92
N PHE A 395 31.19 -19.32 -12.94
CA PHE A 395 30.80 -18.41 -11.88
C PHE A 395 30.66 -19.10 -10.54
N THR A 396 30.26 -20.37 -10.56
CA THR A 396 30.18 -21.14 -9.32
C THR A 396 31.58 -21.28 -8.70
N ARG A 397 32.60 -21.30 -9.54
CA ARG A 397 33.95 -21.58 -9.07
C ARG A 397 34.83 -20.34 -8.83
N GLN A 398 34.43 -19.18 -9.34
CA GLN A 398 35.19 -17.96 -9.09
C GLN A 398 34.78 -17.24 -7.81
N ILE A 399 35.77 -16.95 -6.96
CA ILE A 399 35.51 -16.31 -5.68
C ILE A 399 35.23 -14.82 -5.82
N ALA A 400 34.34 -14.32 -4.97
CA ALA A 400 34.02 -12.90 -4.89
C ALA A 400 34.88 -12.22 -3.85
N GLY A 401 34.84 -10.88 -3.81
CA GLY A 401 35.59 -10.12 -2.83
C GLY A 401 34.86 -9.91 -1.52
N ARG A 402 35.64 -9.80 -0.44
CA ARG A 402 35.10 -9.45 0.86
C ARG A 402 34.53 -8.01 0.85
N VAL A 403 33.35 -7.82 1.42
CA VAL A 403 32.71 -6.49 1.39
C VAL A 403 33.18 -5.57 2.52
N ALA A 404 33.17 -6.08 3.76
CA ALA A 404 33.63 -5.29 4.90
C ALA A 404 35.15 -5.40 5.02
N GLY A 405 35.73 -4.61 5.93
CA GLY A 405 37.14 -4.72 6.23
C GLY A 405 38.02 -3.72 5.51
N GLY A 406 37.41 -2.93 4.62
CA GLY A 406 38.09 -1.85 3.94
C GLY A 406 38.93 -2.27 2.74
N ARG A 407 39.23 -1.28 1.92
CA ARG A 407 40.23 -1.36 0.85
C ARG A 407 40.09 -2.58 -0.06
N ASN A 408 38.89 -2.76 -0.59
CA ASN A 408 38.65 -3.84 -1.54
C ASN A 408 37.69 -3.44 -2.66
N VAL A 409 37.47 -2.15 -2.84
CA VAL A 409 36.70 -1.65 -3.99
C VAL A 409 37.59 -1.58 -5.23
N PRO A 410 37.20 -2.28 -6.31
CA PRO A 410 37.97 -2.24 -7.56
C PRO A 410 38.06 -0.83 -8.12
N PRO A 411 39.27 -0.41 -8.51
CA PRO A 411 39.52 0.91 -9.10
C PRO A 411 38.66 1.18 -10.34
N ALA A 412 38.21 0.12 -10.99
CA ALA A 412 37.38 0.27 -12.18
C ALA A 412 36.06 0.96 -11.83
N VAL A 413 35.59 0.78 -10.60
CA VAL A 413 34.32 1.40 -10.20
C VAL A 413 34.53 2.48 -9.13
N GLN A 414 35.68 3.14 -9.17
CA GLN A 414 36.00 4.17 -8.20
C GLN A 414 34.94 5.26 -8.10
N LYS A 415 34.56 5.84 -9.24
CA LYS A 415 33.62 6.96 -9.26
C LYS A 415 32.25 6.53 -8.73
N VAL A 416 31.89 5.28 -8.96
CA VAL A 416 30.66 4.71 -8.43
C VAL A 416 30.67 4.78 -6.91
N SER A 417 31.78 4.36 -6.33
CA SER A 417 31.95 4.39 -4.88
C SER A 417 31.91 5.83 -4.36
N GLN A 418 32.52 6.75 -5.09
CA GLN A 418 32.49 8.14 -4.68
C GLN A 418 31.08 8.71 -4.77
N ALA A 419 30.35 8.31 -5.81
CA ALA A 419 28.97 8.77 -6.01
C ALA A 419 28.09 8.36 -4.83
N SER A 420 28.33 7.17 -4.29
CA SER A 420 27.57 6.69 -3.14
C SER A 420 27.72 7.65 -1.97
N ILE A 421 28.94 8.14 -1.76
CA ILE A 421 29.18 9.13 -0.71
C ILE A 421 28.50 10.46 -1.03
N ASP A 422 28.73 10.96 -2.25
CA ASP A 422 28.19 12.27 -2.66
C ASP A 422 26.67 12.33 -2.64
N GLN A 423 26.02 11.29 -3.15
CA GLN A 423 24.57 11.24 -3.20
C GLN A 423 23.98 11.15 -1.80
N SER A 424 24.63 10.42 -0.91
CA SER A 424 24.12 10.32 0.46
CA SER A 424 24.17 10.31 0.48
C SER A 424 24.19 11.68 1.14
N ARG A 425 25.15 12.51 0.72
CA ARG A 425 25.28 13.87 1.23
C ARG A 425 24.18 14.78 0.67
N GLN A 426 23.94 14.68 -0.64
CA GLN A 426 22.81 15.37 -1.26
C GLN A 426 21.52 15.07 -0.52
N MET A 427 21.32 13.81 -0.17
CA MET A 427 20.10 13.36 0.50
C MET A 427 20.15 13.59 2.00
N LYS A 428 21.21 14.26 2.46
CA LYS A 428 21.37 14.67 3.85
C LYS A 428 21.25 13.53 4.85
N TYR A 429 21.94 12.42 4.56
CA TYR A 429 22.04 11.32 5.51
C TYR A 429 22.60 11.74 6.86
N GLN A 430 22.06 11.18 7.93
CA GLN A 430 22.65 11.29 9.25
C GLN A 430 23.87 10.38 9.34
N SER A 431 24.57 10.42 10.47
CA SER A 431 25.82 9.69 10.63
C SER A 431 25.63 8.19 10.78
N PHE A 432 26.74 7.47 10.63
CA PHE A 432 26.78 6.02 10.82
C PHE A 432 26.33 5.65 12.22
N ASN A 433 26.82 6.38 13.21
CA ASN A 433 26.44 6.12 14.60
C ASN A 433 24.95 6.37 14.87
N GLU A 434 24.37 7.34 14.19
CA GLU A 434 22.93 7.58 14.32
C GLU A 434 22.15 6.41 13.75
N TYR A 435 22.67 5.80 12.68
CA TYR A 435 21.99 4.66 12.08
C TYR A 435 22.16 3.39 12.91
N ARG A 436 23.27 3.28 13.63
CA ARG A 436 23.44 2.17 14.55
C ARG A 436 22.43 2.27 15.68
N LYS A 437 22.22 3.49 16.18
CA LYS A 437 21.26 3.71 17.26
C LYS A 437 19.85 3.39 16.79
N ARG A 438 19.50 3.86 15.59
CA ARG A 438 18.19 3.62 14.99
C ARG A 438 17.86 2.12 14.91
N PHE A 439 18.89 1.28 14.83
CA PHE A 439 18.67 -0.16 14.79
C PHE A 439 19.17 -0.87 16.04
N MET A 440 19.03 -0.21 17.18
CA MET A 440 19.31 -0.80 18.50
C MET A 440 20.73 -1.35 18.65
N LEU A 441 21.70 -0.60 18.15
CA LEU A 441 23.10 -0.96 18.33
C LEU A 441 23.79 0.11 19.16
N LYS A 442 24.83 -0.27 19.88
CA LYS A 442 25.63 0.70 20.61
C LYS A 442 26.46 1.47 19.60
N PRO A 443 26.50 2.81 19.73
CA PRO A 443 27.35 3.56 18.82
C PRO A 443 28.82 3.27 19.09
N TYR A 444 29.65 3.25 18.05
CA TYR A 444 31.08 3.06 18.23
C TYR A 444 31.69 4.25 18.94
N GLU A 445 32.60 3.98 19.87
CA GLU A 445 33.15 5.03 20.72
C GLU A 445 34.46 5.61 20.17
N SER A 446 35.06 4.91 19.22
CA SER A 446 36.32 5.35 18.64
C SER A 446 36.48 4.80 17.23
N PHE A 447 37.43 5.35 16.48
CA PHE A 447 37.68 4.88 15.11
C PHE A 447 38.26 3.47 15.14
N GLU A 448 39.07 3.19 16.15
CA GLU A 448 39.70 1.88 16.25
C GLU A 448 38.67 0.81 16.61
N GLU A 449 37.67 1.18 17.40
CA GLU A 449 36.60 0.25 17.74
C GLU A 449 35.82 -0.15 16.49
N LEU A 450 35.62 0.80 15.59
CA LEU A 450 34.89 0.54 14.35
C LEU A 450 35.65 -0.42 13.44
N THR A 451 36.95 -0.16 13.26
CA THR A 451 37.75 -0.91 12.31
C THR A 451 38.42 -2.13 12.95
N GLY A 452 38.66 -2.07 14.25
CA GLY A 452 39.36 -3.13 14.95
C GLY A 452 40.82 -3.18 14.56
N GLU A 453 41.36 -2.03 14.20
CA GLU A 453 42.67 -1.95 13.57
C GLU A 453 43.20 -0.51 13.68
N LYS A 454 44.52 -0.34 13.57
CA LYS A 454 45.13 0.96 13.85
C LYS A 454 45.41 1.81 12.63
N GLU A 455 45.54 1.18 11.46
CA GLU A 455 45.90 1.91 10.23
C GLU A 455 44.72 2.74 9.67
N MET A 456 43.67 2.06 9.22
CA MET A 456 42.53 2.72 8.61
C MET A 456 41.81 3.65 9.59
N SER A 457 41.80 3.25 10.86
CA SER A 457 41.18 4.07 11.90
C SER A 457 41.88 5.41 12.00
N ALA A 458 43.20 5.39 11.91
CA ALA A 458 43.99 6.62 11.96
C ALA A 458 43.64 7.54 10.79
N GLU A 459 43.43 6.95 9.62
CA GLU A 459 43.03 7.71 8.44
C GLU A 459 41.65 8.33 8.63
N LEU A 460 40.74 7.56 9.22
CA LEU A 460 39.40 8.06 9.54
C LEU A 460 39.46 9.28 10.46
N GLU A 461 40.34 9.21 11.46
CA GLU A 461 40.49 10.29 12.43
C GLU A 461 40.92 11.58 11.74
N ALA A 462 41.96 11.48 10.92
CA ALA A 462 42.52 12.64 10.22
C ALA A 462 41.51 13.27 9.27
N LEU A 463 40.55 12.47 8.82
CA LEU A 463 39.54 12.94 7.88
C LEU A 463 38.30 13.46 8.61
N TYR A 464 37.83 12.72 9.60
CA TYR A 464 36.55 13.02 10.23
C TYR A 464 36.66 13.74 11.59
N GLY A 465 37.78 13.54 12.28
CA GLY A 465 37.99 14.16 13.59
C GLY A 465 37.23 13.52 14.73
N ASP A 466 35.94 13.25 14.51
CA ASP A 466 35.05 12.71 15.53
C ASP A 466 34.43 11.43 15.00
N ILE A 467 34.34 10.41 15.86
CA ILE A 467 33.75 9.13 15.46
C ILE A 467 32.26 9.30 15.13
N ASP A 468 31.63 10.29 15.75
CA ASP A 468 30.21 10.58 15.49
C ASP A 468 30.01 11.32 14.17
N ALA A 469 31.07 11.43 13.37
CA ALA A 469 31.01 12.17 12.13
C ALA A 469 31.24 11.28 10.92
N VAL A 470 31.60 10.02 11.17
CA VAL A 470 31.83 9.08 10.09
C VAL A 470 30.49 8.79 9.40
N GLU A 471 30.52 8.75 8.07
CA GLU A 471 29.32 8.57 7.26
C GLU A 471 28.95 7.11 7.08
N LEU A 472 27.69 6.88 6.75
CA LEU A 472 27.12 5.53 6.67
C LEU A 472 27.87 4.61 5.68
N TYR A 473 28.01 5.04 4.43
CA TYR A 473 28.58 4.16 3.40
C TYR A 473 30.04 3.78 3.64
N PRO A 474 30.93 4.75 3.93
CA PRO A 474 32.33 4.35 4.13
C PRO A 474 32.50 3.46 5.35
N ALA A 475 31.72 3.72 6.39
CA ALA A 475 31.87 3.00 7.65
C ALA A 475 31.41 1.55 7.51
N LEU A 476 30.42 1.31 6.66
CA LEU A 476 29.96 -0.05 6.42
C LEU A 476 31.04 -0.87 5.75
N LEU A 477 31.81 -0.20 4.87
CA LEU A 477 32.81 -0.90 4.08
C LEU A 477 34.16 -1.04 4.79
N VAL A 478 34.39 -0.28 5.85
CA VAL A 478 35.64 -0.40 6.60
C VAL A 478 35.43 -1.00 7.98
N GLU A 479 34.17 -1.26 8.36
CA GLU A 479 33.86 -1.87 9.65
C GLU A 479 34.60 -3.19 9.82
N LYS A 480 34.98 -3.51 11.05
CA LYS A 480 35.56 -4.81 11.36
C LYS A 480 34.58 -5.92 10.97
N PRO A 481 35.00 -6.81 10.07
CA PRO A 481 34.14 -7.94 9.71
C PRO A 481 33.94 -8.85 10.91
N ARG A 482 32.89 -9.64 10.90
CA ARG A 482 32.74 -10.66 11.91
C ARG A 482 33.71 -11.78 11.57
N PRO A 483 34.01 -12.68 12.53
CA PRO A 483 35.08 -13.67 12.30
C PRO A 483 34.89 -14.47 11.00
N ASP A 484 35.84 -14.31 10.08
CA ASP A 484 35.82 -14.96 8.77
C ASP A 484 34.51 -14.71 8.02
N ALA A 485 33.92 -13.53 8.22
CA ALA A 485 32.67 -13.18 7.57
C ALA A 485 32.87 -12.09 6.53
N ILE A 486 31.98 -12.06 5.56
CA ILE A 486 31.99 -11.09 4.48
C ILE A 486 31.57 -9.70 4.97
N PHE A 487 30.77 -9.67 6.03
CA PHE A 487 30.20 -8.43 6.55
C PHE A 487 30.59 -8.17 7.99
N GLY A 488 30.51 -6.90 8.38
CA GLY A 488 30.60 -6.53 9.78
C GLY A 488 29.21 -6.51 10.38
N GLU A 489 29.15 -6.26 11.69
CA GLU A 489 27.91 -6.30 12.45
C GLU A 489 26.79 -5.41 11.89
N THR A 490 27.12 -4.16 11.59
CA THR A 490 26.13 -3.16 11.25
C THR A 490 25.41 -3.50 9.94
N MET A 491 26.11 -4.05 8.97
CA MET A 491 25.54 -4.44 7.71
C MET A 491 24.40 -5.42 7.85
N VAL A 492 24.60 -6.40 8.71
CA VAL A 492 23.61 -7.39 8.94
C VAL A 492 22.49 -6.94 9.81
N GLU A 493 22.79 -6.16 10.80
CA GLU A 493 21.75 -5.72 11.74
C GLU A 493 20.89 -4.61 11.14
N VAL A 494 21.42 -3.90 10.15
CA VAL A 494 20.62 -2.90 9.46
C VAL A 494 19.98 -3.51 8.21
N GLY A 495 20.74 -4.34 7.52
CA GLY A 495 20.26 -4.99 6.32
C GLY A 495 19.12 -5.97 6.38
N ALA A 496 19.21 -6.93 7.28
CA ALA A 496 18.21 -7.96 7.46
C ALA A 496 16.79 -7.47 7.73
N PRO A 497 16.66 -6.38 8.62
CA PRO A 497 15.28 -5.89 8.77
C PRO A 497 14.66 -5.39 7.47
N PHE A 498 15.41 -4.61 6.71
CA PHE A 498 14.95 -4.11 5.41
C PHE A 498 14.59 -5.28 4.51
N SER A 499 15.44 -6.26 4.45
CA SER A 499 15.27 -7.39 3.59
C SER A 499 14.15 -8.33 3.92
N LEU A 500 14.06 -8.74 5.16
CA LEU A 500 13.01 -9.68 5.55
C LEU A 500 11.63 -9.05 5.48
N LYS A 501 11.55 -7.77 5.82
CA LYS A 501 10.31 -7.02 5.72
C LYS A 501 9.84 -6.95 4.27
N GLY A 502 10.76 -6.63 3.36
CA GLY A 502 10.45 -6.60 1.95
C GLY A 502 9.98 -7.94 1.39
N LEU A 503 10.60 -9.03 1.84
CA LEU A 503 10.26 -10.35 1.33
C LEU A 503 8.90 -10.84 1.84
N MET A 504 8.73 -10.85 3.17
CA MET A 504 7.51 -11.38 3.75
C MET A 504 6.36 -10.39 3.61
N GLY A 505 6.68 -9.13 3.41
CA GLY A 505 5.66 -8.10 3.24
C GLY A 505 4.96 -8.21 1.89
N ASN A 506 5.50 -9.04 1.01
CA ASN A 506 4.94 -9.23 -0.32
C ASN A 506 3.50 -9.71 -0.27
N VAL A 507 2.68 -9.24 -1.19
CA VAL A 507 1.25 -9.53 -1.17
C VAL A 507 0.96 -11.04 -1.29
N ILE A 508 1.83 -11.78 -1.97
CA ILE A 508 1.58 -13.20 -2.13
C ILE A 508 1.77 -13.95 -0.81
N CYS A 509 2.40 -13.30 0.18
CA CYS A 509 2.59 -13.93 1.48
C CYS A 509 1.39 -13.69 2.39
N SER A 510 0.48 -12.82 1.96
CA SER A 510 -0.74 -12.54 2.74
C SER A 510 -1.70 -13.71 2.68
N PRO A 511 -2.53 -13.87 3.72
CA PRO A 511 -3.52 -14.93 3.81
C PRO A 511 -4.44 -15.06 2.58
N ALA A 512 -4.87 -13.95 2.02
CA ALA A 512 -5.79 -14.00 0.88
C ALA A 512 -5.12 -14.56 -0.37
N TYR A 513 -3.79 -14.45 -0.42
CA TYR A 513 -3.06 -14.92 -1.59
C TYR A 513 -2.39 -16.29 -1.39
N TRP A 514 -1.93 -16.57 -0.18
CA TRP A 514 -1.10 -17.75 0.02
C TRP A 514 -1.92 -19.04 0.07
N LYS A 515 -2.42 -19.43 -1.10
CA LYS A 515 -3.23 -20.63 -1.23
C LYS A 515 -3.08 -21.19 -2.64
N PRO A 516 -3.25 -22.51 -2.80
CA PRO A 516 -2.98 -23.22 -4.06
C PRO A 516 -3.65 -22.60 -5.29
N SER A 517 -4.89 -22.12 -5.13
CA SER A 517 -5.66 -21.61 -6.26
C SER A 517 -5.07 -20.32 -6.85
N THR A 518 -4.29 -19.61 -6.04
CA THR A 518 -3.60 -18.41 -6.50
C THR A 518 -2.56 -18.77 -7.57
N PHE A 519 -2.04 -19.99 -7.46
CA PHE A 519 -0.92 -20.39 -8.29
C PHE A 519 -1.29 -21.50 -9.27
N GLY A 520 -2.58 -21.58 -9.58
CA GLY A 520 -3.06 -22.49 -10.61
C GLY A 520 -3.37 -23.87 -10.06
N GLY A 521 -3.27 -24.02 -8.75
CA GLY A 521 -3.56 -25.29 -8.12
C GLY A 521 -2.35 -25.88 -7.41
N GLU A 522 -2.45 -27.16 -7.07
CA GLU A 522 -1.46 -27.84 -6.25
C GLU A 522 -0.09 -27.96 -6.92
N VAL A 523 -0.08 -28.16 -8.24
CA VAL A 523 1.17 -28.31 -8.98
C VAL A 523 1.92 -26.98 -9.03
N GLY A 524 1.19 -25.90 -9.28
CA GLY A 524 1.77 -24.58 -9.31
C GLY A 524 2.32 -24.17 -7.96
N PHE A 525 1.55 -24.45 -6.91
CA PHE A 525 1.94 -24.14 -5.54
C PHE A 525 3.23 -24.85 -5.17
N GLN A 526 3.36 -26.09 -5.65
CA GLN A 526 4.47 -26.95 -5.34
C GLN A 526 5.77 -26.42 -5.96
N ILE A 527 5.65 -25.82 -7.13
CA ILE A 527 6.80 -25.24 -7.83
C ILE A 527 7.49 -24.22 -6.93
N ILE A 528 6.69 -23.43 -6.23
CA ILE A 528 7.24 -22.44 -5.30
C ILE A 528 7.93 -23.10 -4.11
N ASN A 529 7.21 -23.97 -3.41
CA ASN A 529 7.73 -24.50 -2.14
C ASN A 529 8.83 -25.54 -2.31
N THR A 530 9.19 -25.87 -3.54
CA THR A 530 10.32 -26.76 -3.80
C THR A 530 11.44 -26.06 -4.60
N ALA A 531 11.33 -24.74 -4.73
CA ALA A 531 12.31 -24.01 -5.54
C ALA A 531 13.60 -23.79 -4.79
N SER A 532 14.71 -23.78 -5.53
CA SER A 532 16.02 -23.51 -4.97
C SER A 532 16.93 -22.99 -6.08
N ILE A 533 18.10 -22.46 -5.72
CA ILE A 533 19.02 -21.94 -6.72
C ILE A 533 19.53 -23.11 -7.57
N GLN A 534 19.64 -24.29 -6.99
CA GLN A 534 20.06 -25.45 -7.75
C GLN A 534 18.95 -25.89 -8.71
N SER A 535 17.69 -25.88 -8.24
CA SER A 535 16.58 -26.33 -9.08
C SER A 535 16.32 -25.35 -10.20
N LEU A 536 16.53 -24.07 -9.93
CA LEU A 536 16.33 -23.02 -10.92
C LEU A 536 17.28 -23.22 -12.10
N ILE A 537 18.52 -23.57 -11.77
CA ILE A 537 19.52 -23.84 -12.79
C ILE A 537 19.30 -25.21 -13.44
N CYS A 538 18.96 -26.21 -12.63
CA CYS A 538 18.76 -27.55 -13.17
C CYS A 538 17.61 -27.63 -14.16
N ASN A 539 16.54 -26.88 -13.88
CA ASN A 539 15.38 -26.85 -14.75
C ASN A 539 15.61 -26.10 -16.06
N ASN A 540 16.52 -25.13 -16.04
CA ASN A 540 16.64 -24.22 -17.17
C ASN A 540 17.99 -24.18 -17.85
N VAL A 541 18.98 -24.86 -17.28
CA VAL A 541 20.32 -24.82 -17.85
C VAL A 541 20.76 -26.22 -18.27
N LYS A 542 21.15 -26.33 -19.54
CA LYS A 542 21.52 -27.61 -20.14
C LYS A 542 22.60 -28.34 -19.34
N GLY A 543 22.34 -29.61 -19.06
CA GLY A 543 23.32 -30.46 -18.40
C GLY A 543 23.11 -30.55 -16.90
N CYS A 544 22.22 -29.72 -16.38
CA CYS A 544 21.98 -29.60 -14.94
C CYS A 544 23.28 -29.48 -14.17
N PRO A 545 24.07 -28.42 -14.44
CA PRO A 545 25.34 -28.30 -13.73
C PRO A 545 25.12 -28.02 -12.25
N PHE A 546 26.04 -28.49 -11.41
CA PHE A 546 26.03 -28.13 -10.00
C PHE A 546 26.17 -26.62 -9.87
N THR A 547 25.49 -26.04 -8.89
CA THR A 547 25.70 -24.63 -8.58
C THR A 547 25.41 -24.35 -7.11
N SER A 548 25.84 -23.18 -6.68
CA SER A 548 25.83 -22.80 -5.27
C SER A 548 26.25 -21.34 -5.18
N PHE A 549 25.98 -20.71 -4.03
CA PHE A 549 26.41 -19.34 -3.84
C PHE A 549 27.81 -19.28 -3.22
N SER A 550 28.38 -20.45 -2.94
CA SER A 550 29.74 -20.51 -2.40
C SER A 550 30.63 -21.39 -3.27
N VAL A 551 31.93 -21.10 -3.29
CA VAL A 551 32.87 -21.90 -4.06
C VAL A 551 32.98 -23.29 -3.42
N PRO A 552 33.08 -24.34 -4.25
CA PRO A 552 33.19 -25.70 -3.70
C PRO A 552 34.48 -25.90 -2.91
N ASP A 553 34.48 -26.84 -1.98
CA ASP A 553 35.63 -27.09 -1.12
C ASP A 553 36.45 -28.30 -1.58
N LYS B 1 -19.93 -22.02 -20.51
CA LYS B 1 -19.21 -23.28 -20.48
C LYS B 1 -18.27 -23.35 -19.27
N ASN B 2 -17.83 -22.20 -18.78
CA ASN B 2 -16.94 -22.14 -17.61
C ASN B 2 -17.56 -22.85 -16.43
N PRO B 3 -16.84 -23.83 -15.86
CA PRO B 3 -17.41 -24.64 -14.77
C PRO B 3 -17.72 -23.80 -13.53
N CYS B 4 -17.00 -22.70 -13.37
CA CYS B 4 -17.17 -21.82 -12.22
C CYS B 4 -18.34 -20.84 -12.38
N CYS B 5 -19.05 -20.91 -13.50
CA CYS B 5 -20.18 -20.01 -13.77
C CYS B 5 -21.30 -20.11 -12.74
N SER B 6 -21.40 -21.24 -12.06
CA SER B 6 -22.49 -21.45 -11.10
C SER B 6 -22.17 -20.88 -9.73
N HIS B 7 -20.95 -20.37 -9.58
CA HIS B 7 -20.44 -19.90 -8.28
C HIS B 7 -20.55 -20.99 -7.21
N PRO B 8 -19.97 -22.17 -7.48
CA PRO B 8 -20.23 -23.36 -6.66
C PRO B 8 -19.60 -23.27 -5.28
N CYS B 9 -18.46 -22.60 -5.19
CA CYS B 9 -17.68 -22.56 -3.95
C CYS B 9 -18.28 -21.63 -2.92
N GLN B 10 -18.76 -22.21 -1.81
CA GLN B 10 -19.40 -21.47 -0.74
C GLN B 10 -18.38 -20.92 0.27
N ASN B 11 -18.86 -20.03 1.14
CA ASN B 11 -18.09 -19.54 2.27
C ASN B 11 -16.73 -18.96 1.90
N ARG B 12 -16.71 -18.20 0.81
CA ARG B 12 -15.54 -17.49 0.31
C ARG B 12 -14.44 -18.43 -0.20
N GLY B 13 -14.81 -19.65 -0.57
CA GLY B 13 -13.89 -20.54 -1.24
C GLY B 13 -13.53 -19.96 -2.61
N VAL B 14 -12.42 -20.41 -3.18
CA VAL B 14 -12.00 -19.93 -4.49
C VAL B 14 -12.25 -20.97 -5.57
N CYS B 15 -13.02 -20.61 -6.59
CA CYS B 15 -13.27 -21.52 -7.69
C CYS B 15 -12.13 -21.46 -8.72
N MET B 16 -11.72 -22.63 -9.19
CA MET B 16 -10.72 -22.73 -10.24
C MET B 16 -11.15 -23.80 -11.22
N SER B 17 -11.00 -23.52 -12.51
CA SER B 17 -11.34 -24.49 -13.55
C SER B 17 -10.25 -25.55 -13.65
N VAL B 18 -10.64 -26.81 -13.61
CA VAL B 18 -9.71 -27.90 -13.83
C VAL B 18 -10.18 -28.70 -15.04
N GLY B 19 -9.68 -28.33 -16.22
CA GLY B 19 -10.18 -28.89 -17.46
C GLY B 19 -11.38 -28.11 -17.97
N PHE B 20 -11.89 -28.50 -19.13
CA PHE B 20 -12.95 -27.74 -19.78
C PHE B 20 -14.31 -27.91 -19.11
N ASP B 21 -14.48 -28.97 -18.33
CA ASP B 21 -15.80 -29.28 -17.78
C ASP B 21 -15.82 -29.45 -16.26
N GLN B 22 -14.68 -29.26 -15.61
CA GLN B 22 -14.60 -29.50 -14.17
C GLN B 22 -14.01 -28.31 -13.43
N TYR B 23 -14.38 -28.20 -12.15
CA TYR B 23 -13.84 -27.17 -11.28
C TYR B 23 -13.29 -27.76 -10.00
N LYS B 24 -12.53 -26.96 -9.27
CA LYS B 24 -12.05 -27.34 -7.94
C LYS B 24 -12.23 -26.15 -7.01
N CYS B 25 -12.61 -26.41 -5.77
CA CYS B 25 -12.75 -25.35 -4.78
C CYS B 25 -11.55 -25.33 -3.83
N ASP B 26 -10.96 -24.15 -3.67
CA ASP B 26 -9.91 -23.95 -2.68
C ASP B 26 -10.55 -23.48 -1.38
N CYS B 27 -10.64 -24.37 -0.41
CA CYS B 27 -11.36 -24.09 0.82
C CYS B 27 -10.45 -23.58 1.92
N THR B 28 -9.22 -23.25 1.55
CA THR B 28 -8.21 -22.85 2.52
C THR B 28 -8.71 -21.75 3.43
N ARG B 29 -8.63 -22.00 4.74
CA ARG B 29 -8.96 -21.03 5.77
C ARG B 29 -10.39 -20.49 5.68
N THR B 30 -11.27 -21.23 5.02
CA THR B 30 -12.69 -20.87 4.98
C THR B 30 -13.39 -21.30 6.25
N GLY B 31 -12.85 -22.32 6.90
CA GLY B 31 -13.50 -22.94 8.05
C GLY B 31 -14.44 -24.03 7.59
N PHE B 32 -14.34 -24.36 6.30
CA PHE B 32 -15.21 -25.36 5.68
C PHE B 32 -14.39 -26.32 4.83
N TYR B 33 -15.00 -27.45 4.50
CA TYR B 33 -14.39 -28.40 3.57
C TYR B 33 -15.46 -29.03 2.69
N GLY B 34 -15.05 -29.95 1.82
CA GLY B 34 -15.97 -30.56 0.86
C GLY B 34 -15.80 -29.96 -0.52
N GLU B 35 -16.37 -30.63 -1.51
CA GLU B 35 -16.25 -30.24 -2.92
C GLU B 35 -16.62 -28.78 -3.17
N ASN B 36 -17.60 -28.27 -2.44
CA ASN B 36 -18.12 -26.93 -2.67
C ASN B 36 -17.88 -26.02 -1.46
N CYS B 37 -16.96 -26.44 -0.58
CA CYS B 37 -16.67 -25.73 0.67
C CYS B 37 -17.93 -25.56 1.52
N SER B 38 -18.77 -26.59 1.58
CA SER B 38 -20.06 -26.51 2.23
C SER B 38 -20.09 -27.09 3.64
N THR B 39 -19.20 -28.03 3.92
CA THR B 39 -19.20 -28.72 5.21
C THR B 39 -18.33 -28.00 6.24
N PRO B 40 -18.95 -27.53 7.34
CA PRO B 40 -18.23 -26.78 8.38
C PRO B 40 -17.30 -27.65 9.22
N GLU B 41 -16.21 -27.04 9.70
CA GLU B 41 -15.36 -27.69 10.70
C GLU B 41 -16.08 -27.66 12.04
N PHE B 42 -15.57 -28.44 12.99
CA PHE B 42 -16.14 -28.47 14.33
C PHE B 42 -16.14 -27.08 14.96
N LEU B 43 -14.96 -26.47 15.00
CA LEU B 43 -14.80 -25.13 15.54
C LEU B 43 -15.80 -24.14 14.95
N THR B 44 -16.00 -24.24 13.64
CA THR B 44 -16.77 -23.23 12.92
C THR B 44 -18.26 -23.42 13.09
N ARG B 45 -18.74 -24.66 12.99
CA ARG B 45 -20.17 -24.91 13.15
C ARG B 45 -20.63 -24.62 14.58
N ILE B 46 -19.68 -24.60 15.51
CA ILE B 46 -19.95 -24.12 16.85
C ILE B 46 -20.06 -22.60 16.87
N LYS B 47 -19.08 -21.93 16.26
CA LYS B 47 -19.08 -20.47 16.17
C LYS B 47 -20.28 -20.01 15.35
N LEU B 48 -20.62 -20.80 14.36
CA LEU B 48 -21.79 -20.56 13.52
C LEU B 48 -23.06 -20.56 14.37
N PHE B 49 -23.32 -21.70 15.01
CA PHE B 49 -24.57 -21.91 15.75
C PHE B 49 -24.80 -20.89 16.87
N LEU B 50 -23.75 -20.21 17.32
CA LEU B 50 -23.88 -19.30 18.44
C LEU B 50 -23.71 -17.83 18.05
N LYS B 51 -23.38 -17.58 16.79
CA LYS B 51 -23.32 -16.21 16.28
C LYS B 51 -24.73 -15.74 15.93
N PRO B 52 -25.16 -14.61 16.52
CA PRO B 52 -26.51 -14.09 16.29
C PRO B 52 -26.64 -13.36 14.95
N THR B 53 -27.83 -13.36 14.38
CA THR B 53 -28.11 -12.61 13.16
C THR B 53 -27.92 -11.12 13.39
N PRO B 54 -27.49 -10.38 12.36
CA PRO B 54 -27.31 -8.93 12.48
C PRO B 54 -28.59 -8.21 12.88
N ASN B 55 -29.74 -8.74 12.45
CA ASN B 55 -31.02 -8.18 12.82
C ASN B 55 -31.24 -8.21 14.32
N THR B 56 -30.73 -9.25 14.98
CA THR B 56 -30.78 -9.34 16.43
C THR B 56 -29.80 -8.34 17.05
N VAL B 57 -28.59 -8.30 16.51
CA VAL B 57 -27.56 -7.36 16.96
C VAL B 57 -28.03 -5.92 16.76
N HIS B 58 -28.75 -5.68 15.68
CA HIS B 58 -29.28 -4.36 15.40
C HIS B 58 -30.30 -3.95 16.46
N TYR B 59 -31.18 -4.88 16.81
CA TYR B 59 -32.21 -4.61 17.81
C TYR B 59 -31.58 -4.22 19.15
N ILE B 60 -30.54 -4.94 19.52
CA ILE B 60 -29.85 -4.71 20.79
C ILE B 60 -29.23 -3.32 20.83
N LEU B 61 -28.66 -2.91 19.71
CA LEU B 61 -27.98 -1.62 19.62
C LEU B 61 -28.97 -0.47 19.50
N THR B 62 -30.19 -0.77 19.09
CA THR B 62 -31.19 0.27 18.84
C THR B 62 -32.27 0.30 19.92
N HIS B 63 -32.09 -0.54 20.93
CA HIS B 63 -32.97 -0.53 22.10
C HIS B 63 -32.12 -0.46 23.37
N PHE B 64 -32.78 -0.58 24.52
CA PHE B 64 -32.12 -0.54 25.82
C PHE B 64 -31.37 0.78 26.02
N LYS B 65 -32.06 1.88 25.77
CA LYS B 65 -31.50 3.22 25.87
C LYS B 65 -30.80 3.47 27.21
N GLY B 66 -31.46 3.10 28.30
CA GLY B 66 -30.92 3.30 29.64
C GLY B 66 -29.63 2.55 29.87
N PHE B 67 -29.57 1.31 29.38
CA PHE B 67 -28.36 0.49 29.53
C PHE B 67 -27.17 1.12 28.78
N TRP B 68 -27.38 1.42 27.50
CA TRP B 68 -26.32 2.00 26.69
C TRP B 68 -25.87 3.36 27.24
N ASN B 69 -26.78 4.06 27.89
CA ASN B 69 -26.50 5.42 28.34
C ASN B 69 -25.49 5.46 29.48
N VAL B 70 -25.36 4.36 30.20
CA VAL B 70 -24.35 4.28 31.24
C VAL B 70 -23.08 3.69 30.65
N VAL B 71 -23.22 2.79 29.68
CA VAL B 71 -22.08 2.18 29.01
C VAL B 71 -21.26 3.25 28.30
N ASN B 72 -21.94 4.19 27.66
CA ASN B 72 -21.29 5.31 26.98
C ASN B 72 -20.43 6.15 27.91
N ASN B 73 -20.71 6.06 29.21
CA ASN B 73 -20.01 6.89 30.19
C ASN B 73 -19.00 6.13 31.02
N ILE B 74 -18.82 4.85 30.72
CA ILE B 74 -17.71 4.10 31.29
C ILE B 74 -16.73 3.76 30.16
N PRO B 75 -15.63 4.52 30.08
CA PRO B 75 -14.65 4.45 28.99
C PRO B 75 -14.19 3.03 28.69
N PHE B 76 -13.99 2.22 29.73
CA PHE B 76 -13.51 0.85 29.53
C PHE B 76 -14.47 0.00 28.69
N LEU B 77 -15.75 0.03 29.04
CA LEU B 77 -16.74 -0.76 28.32
C LEU B 77 -16.98 -0.23 26.91
N ARG B 78 -17.02 1.10 26.78
CA ARG B 78 -17.21 1.72 25.47
C ARG B 78 -16.07 1.31 24.54
N ASN B 79 -14.85 1.27 25.06
CA ASN B 79 -13.69 0.86 24.28
C ASN B 79 -13.77 -0.60 23.84
N ALA B 80 -14.16 -1.48 24.76
CA ALA B 80 -14.26 -2.90 24.46
C ALA B 80 -15.28 -3.17 23.36
N ILE B 81 -16.43 -2.51 23.47
CA ILE B 81 -17.51 -2.66 22.51
C ILE B 81 -17.13 -2.11 21.13
N MET B 82 -16.56 -0.91 21.11
CA MET B 82 -16.10 -0.30 19.88
C MET B 82 -15.01 -1.14 19.23
N SER B 83 -14.17 -1.77 20.06
CA SER B 83 -13.07 -2.59 19.56
C SER B 83 -13.60 -3.77 18.74
N TYR B 84 -14.65 -4.41 19.23
CA TYR B 84 -15.24 -5.54 18.52
C TYR B 84 -15.93 -5.09 17.23
N VAL B 85 -16.69 -4.01 17.32
CA VAL B 85 -17.37 -3.43 16.16
C VAL B 85 -16.40 -3.26 15.01
N LEU B 86 -15.19 -2.79 15.33
CA LEU B 86 -14.17 -2.55 14.32
C LEU B 86 -13.60 -3.83 13.72
N THR B 87 -13.26 -4.78 14.58
CA THR B 87 -12.55 -5.99 14.16
C THR B 87 -13.42 -6.94 13.34
N SER B 88 -14.65 -7.14 13.80
CA SER B 88 -15.61 -8.00 13.11
C SER B 88 -15.91 -7.49 11.70
N ARG B 89 -16.21 -6.21 11.58
CA ARG B 89 -16.53 -5.60 10.29
C ARG B 89 -15.39 -5.77 9.28
N SER B 90 -14.20 -5.32 9.66
CA SER B 90 -13.07 -5.21 8.74
C SER B 90 -12.60 -6.55 8.19
N HIS B 91 -12.70 -7.59 9.00
CA HIS B 91 -12.25 -8.93 8.63
C HIS B 91 -12.95 -9.46 7.37
N LEU B 92 -14.05 -8.83 6.99
CA LEU B 92 -14.79 -9.23 5.80
C LEU B 92 -14.19 -8.66 4.52
N ILE B 93 -13.20 -7.79 4.67
CA ILE B 93 -12.55 -7.14 3.55
C ILE B 93 -11.17 -7.75 3.24
N ASP B 94 -11.02 -8.28 2.03
CA ASP B 94 -9.71 -8.74 1.57
C ASP B 94 -8.74 -7.59 1.54
N SER B 95 -7.62 -7.76 2.23
CA SER B 95 -6.61 -6.72 2.35
C SER B 95 -5.26 -7.36 2.65
N PRO B 96 -4.29 -7.24 1.72
CA PRO B 96 -4.24 -6.57 0.41
C PRO B 96 -5.34 -7.02 -0.55
N PRO B 97 -5.67 -6.19 -1.55
CA PRO B 97 -6.85 -6.44 -2.38
C PRO B 97 -6.59 -7.50 -3.45
N THR B 98 -7.66 -8.01 -4.05
CA THR B 98 -7.56 -9.13 -4.97
C THR B 98 -8.08 -8.82 -6.37
N TYR B 99 -9.38 -9.05 -6.57
CA TYR B 99 -9.97 -8.99 -7.91
C TYR B 99 -10.33 -7.58 -8.38
N ASN B 100 -10.51 -7.45 -9.69
CA ASN B 100 -11.13 -6.24 -10.26
C ASN B 100 -11.97 -6.66 -11.47
N ALA B 101 -12.47 -5.70 -12.24
CA ALA B 101 -13.41 -6.02 -13.32
C ALA B 101 -12.79 -6.87 -14.43
N ASP B 102 -11.47 -6.81 -14.57
CA ASP B 102 -10.78 -7.52 -15.64
C ASP B 102 -10.21 -8.88 -15.19
N TYR B 103 -10.27 -9.17 -13.89
CA TYR B 103 -9.64 -10.37 -13.38
C TYR B 103 -10.48 -11.09 -12.33
N GLY B 104 -10.95 -12.28 -12.67
CA GLY B 104 -11.73 -13.11 -11.78
C GLY B 104 -10.86 -14.14 -11.11
N TYR B 105 -9.55 -13.99 -11.30
CA TYR B 105 -8.54 -14.79 -10.62
C TYR B 105 -7.50 -13.80 -10.13
N LYS B 106 -6.72 -14.18 -9.12
CA LYS B 106 -5.76 -13.24 -8.55
C LYS B 106 -4.59 -13.04 -9.51
N SER B 107 -4.14 -11.80 -9.65
CA SER B 107 -3.05 -11.50 -10.56
C SER B 107 -2.28 -10.27 -10.10
N TRP B 108 -1.02 -10.17 -10.51
CA TRP B 108 -0.24 -9.00 -10.17
C TRP B 108 -0.83 -7.73 -10.77
N GLU B 109 -1.41 -7.86 -11.97
CA GLU B 109 -2.01 -6.71 -12.61
C GLU B 109 -3.17 -6.19 -11.78
N ALA B 110 -4.01 -7.11 -11.31
CA ALA B 110 -5.13 -6.74 -10.44
C ALA B 110 -4.64 -6.12 -9.13
N PHE B 111 -3.60 -6.69 -8.53
CA PHE B 111 -3.09 -6.14 -7.26
C PHE B 111 -2.43 -4.78 -7.41
N SER B 112 -1.61 -4.62 -8.45
CA SER B 112 -0.71 -3.47 -8.51
C SER B 112 -1.28 -2.23 -9.22
N ASN B 113 -2.25 -2.44 -10.11
CA ASN B 113 -2.78 -1.34 -10.91
C ASN B 113 -3.84 -0.54 -10.13
N LEU B 114 -3.45 0.65 -9.70
CA LEU B 114 -4.30 1.46 -8.82
C LEU B 114 -5.43 2.18 -9.56
N SER B 115 -5.40 2.15 -10.89
CA SER B 115 -6.43 2.82 -11.68
C SER B 115 -7.76 2.06 -11.65
N TYR B 116 -7.74 0.83 -11.16
CA TYR B 116 -8.98 0.05 -11.01
C TYR B 116 -9.62 0.23 -9.65
N TYR B 117 -10.94 0.17 -9.61
CA TYR B 117 -11.65 -0.15 -8.37
C TYR B 117 -11.38 -1.61 -8.10
N THR B 118 -11.24 -2.00 -6.84
CA THR B 118 -11.12 -3.41 -6.52
C THR B 118 -12.54 -4.01 -6.44
N ARG B 119 -12.63 -5.34 -6.36
CA ARG B 119 -13.92 -6.01 -6.38
C ARG B 119 -14.09 -7.00 -5.23
N ALA B 120 -15.13 -6.80 -4.43
CA ALA B 120 -15.44 -7.68 -3.31
C ALA B 120 -15.79 -9.07 -3.80
N LEU B 121 -16.31 -9.14 -5.01
CA LEU B 121 -16.59 -10.41 -5.67
C LEU B 121 -16.06 -10.35 -7.10
N PRO B 122 -15.44 -11.45 -7.56
CA PRO B 122 -14.92 -11.50 -8.93
C PRO B 122 -16.02 -11.31 -9.96
N PRO B 123 -15.67 -10.80 -11.15
CA PRO B 123 -16.66 -10.66 -12.22
C PRO B 123 -17.17 -12.02 -12.69
N VAL B 124 -18.43 -12.07 -13.11
CA VAL B 124 -18.95 -13.22 -13.82
C VAL B 124 -18.08 -13.46 -15.05
N PRO B 125 -17.60 -14.69 -15.24
CA PRO B 125 -16.83 -15.02 -16.45
C PRO B 125 -17.61 -14.66 -17.71
N ASP B 126 -16.90 -14.34 -18.79
CA ASP B 126 -17.53 -13.83 -20.01
C ASP B 126 -18.47 -14.85 -20.65
N ASP B 127 -17.94 -16.03 -20.93
CA ASP B 127 -18.71 -17.11 -21.55
C ASP B 127 -19.53 -17.85 -20.49
N CYS B 128 -20.77 -17.42 -20.31
CA CYS B 128 -21.65 -18.03 -19.31
C CYS B 128 -23.08 -18.19 -19.83
N PRO B 129 -23.82 -19.17 -19.27
CA PRO B 129 -25.22 -19.42 -19.61
C PRO B 129 -26.11 -18.19 -19.44
N THR B 130 -25.98 -17.47 -18.33
CA THR B 130 -26.77 -16.28 -18.08
C THR B 130 -25.84 -15.13 -17.70
N PRO B 131 -26.29 -13.87 -17.91
CA PRO B 131 -25.45 -12.71 -17.56
C PRO B 131 -24.90 -12.77 -16.14
N LEU B 132 -25.62 -13.41 -15.24
CA LEU B 132 -25.21 -13.50 -13.83
C LEU B 132 -24.50 -14.80 -13.53
N GLY B 133 -24.36 -15.64 -14.54
CA GLY B 133 -23.64 -16.89 -14.40
C GLY B 133 -24.48 -18.07 -14.83
N VAL B 134 -25.38 -18.50 -13.96
CA VAL B 134 -26.19 -19.68 -14.23
C VAL B 134 -27.67 -19.42 -13.98
N LYS B 135 -27.97 -18.57 -13.00
CA LYS B 135 -29.35 -18.31 -12.62
C LYS B 135 -29.96 -17.14 -13.39
N GLY B 136 -31.29 -17.13 -13.49
CA GLY B 136 -32.00 -16.06 -14.15
C GLY B 136 -32.32 -16.31 -15.61
N LYS B 137 -32.93 -15.33 -16.26
CA LYS B 137 -33.30 -15.42 -17.66
C LYS B 137 -32.09 -15.15 -18.56
N LYS B 138 -32.16 -15.63 -19.79
CA LYS B 138 -31.06 -15.50 -20.75
C LYS B 138 -30.62 -14.04 -20.94
N GLN B 139 -31.56 -13.12 -20.81
CA GLN B 139 -31.26 -11.70 -20.88
C GLN B 139 -31.82 -10.99 -19.66
N LEU B 140 -31.04 -10.05 -19.12
CA LEU B 140 -31.49 -9.28 -17.97
C LEU B 140 -32.63 -8.34 -18.37
N PRO B 141 -33.46 -7.93 -17.40
CA PRO B 141 -34.55 -7.04 -17.78
C PRO B 141 -34.06 -5.65 -18.15
N ASP B 142 -34.82 -4.97 -19.00
CA ASP B 142 -34.56 -3.60 -19.42
C ASP B 142 -34.29 -2.71 -18.21
N SER B 143 -33.14 -2.04 -18.21
CA SER B 143 -32.76 -1.23 -17.06
C SER B 143 -33.73 -0.09 -16.80
N ASN B 144 -34.22 0.57 -17.84
CA ASN B 144 -35.14 1.67 -17.66
C ASN B 144 -36.46 1.21 -17.06
N GLU B 145 -36.88 0.00 -17.43
CA GLU B 145 -38.10 -0.59 -16.92
C GLU B 145 -37.98 -0.87 -15.42
N ILE B 146 -36.79 -1.25 -14.97
CA ILE B 146 -36.53 -1.47 -13.55
C ILE B 146 -36.63 -0.17 -12.76
N VAL B 147 -35.97 0.86 -13.27
CA VAL B 147 -36.00 2.19 -12.67
C VAL B 147 -37.43 2.72 -12.53
N GLU B 148 -38.19 2.66 -13.62
CA GLU B 148 -39.53 3.22 -13.63
C GLU B 148 -40.50 2.47 -12.71
N LYS B 149 -40.47 1.15 -12.76
CA LYS B 149 -41.43 0.36 -11.99
C LYS B 149 -41.09 0.29 -10.51
N LEU B 150 -39.80 0.31 -10.18
CA LEU B 150 -39.36 0.01 -8.83
C LEU B 150 -38.61 1.13 -8.11
N LEU B 151 -38.02 2.05 -8.87
CA LEU B 151 -37.10 3.00 -8.26
C LEU B 151 -37.58 4.46 -8.32
N LEU B 152 -38.37 4.81 -9.32
CA LEU B 152 -38.78 6.20 -9.49
C LEU B 152 -39.74 6.66 -8.41
N ARG B 153 -39.48 7.86 -7.90
CA ARG B 153 -40.33 8.49 -6.89
C ARG B 153 -41.72 8.86 -7.45
N ARG B 154 -42.77 8.28 -6.88
CA ARG B 154 -44.14 8.66 -7.22
C ARG B 154 -44.63 9.77 -6.30
N LYS B 155 -44.01 9.82 -5.12
CA LYS B 155 -44.39 10.76 -4.08
C LYS B 155 -43.30 10.73 -3.01
N PHE B 156 -42.77 11.90 -2.65
CA PHE B 156 -41.63 12.00 -1.74
C PHE B 156 -41.82 11.20 -0.46
N ILE B 157 -40.85 10.35 -0.16
CA ILE B 157 -40.83 9.60 1.08
C ILE B 157 -39.70 10.09 1.95
N PRO B 158 -40.03 10.78 3.05
CA PRO B 158 -39.02 11.33 3.97
C PRO B 158 -38.30 10.23 4.74
N ASP B 159 -37.02 10.45 5.04
CA ASP B 159 -36.28 9.52 5.88
C ASP B 159 -36.86 9.48 7.29
N PRO B 160 -37.29 8.30 7.74
CA PRO B 160 -37.82 8.16 9.10
C PRO B 160 -36.77 8.50 10.16
N GLN B 161 -35.49 8.39 9.82
CA GLN B 161 -34.42 8.72 10.77
C GLN B 161 -34.13 10.22 10.83
N GLY B 162 -34.77 10.99 9.97
CA GLY B 162 -34.68 12.44 10.02
C GLY B 162 -33.47 13.08 9.37
N SER B 163 -32.73 12.31 8.58
CA SER B 163 -31.53 12.82 7.91
C SER B 163 -31.85 14.09 7.12
N ASN B 164 -30.96 15.07 7.21
CA ASN B 164 -31.22 16.35 6.58
C ASN B 164 -30.32 16.62 5.37
N MET B 165 -30.41 17.82 4.82
CA MET B 165 -29.61 18.19 3.66
C MET B 165 -28.15 18.37 4.02
N MET B 166 -27.88 18.73 5.26
CA MET B 166 -26.50 18.76 5.75
C MET B 166 -25.89 17.37 5.63
N PHE B 167 -26.69 16.35 5.97
CA PHE B 167 -26.24 14.97 5.87
C PHE B 167 -26.01 14.56 4.42
N ALA B 168 -27.01 14.80 3.59
CA ALA B 168 -26.98 14.36 2.20
C ALA B 168 -25.79 14.95 1.45
N PHE B 169 -25.50 16.22 1.69
CA PHE B 169 -24.38 16.86 1.00
C PHE B 169 -23.04 16.49 1.63
N PHE B 170 -23.02 16.26 2.93
CA PHE B 170 -21.82 15.72 3.56
C PHE B 170 -21.46 14.38 2.93
N ALA B 171 -22.45 13.51 2.84
CA ALA B 171 -22.27 12.19 2.24
C ALA B 171 -21.69 12.29 0.84
N GLN B 172 -22.24 13.19 0.03
CA GLN B 172 -21.78 13.34 -1.35
C GLN B 172 -20.38 13.96 -1.39
N HIS B 173 -20.15 14.98 -0.57
CA HIS B 173 -18.86 15.67 -0.54
C HIS B 173 -17.75 14.76 -0.03
N PHE B 174 -17.95 14.09 1.07
CA PHE B 174 -16.97 13.20 1.64
C PHE B 174 -16.66 11.98 0.78
N THR B 175 -17.67 11.29 0.28
CA THR B 175 -17.42 10.09 -0.53
C THR B 175 -16.80 10.39 -1.90
N HIS B 176 -16.97 11.62 -2.39
CA HIS B 176 -16.48 11.92 -3.73
C HIS B 176 -14.99 12.26 -3.77
N GLN B 177 -14.30 12.02 -2.66
CA GLN B 177 -12.84 12.04 -2.69
C GLN B 177 -12.31 10.67 -3.08
N PHE B 178 -13.10 9.61 -2.85
CA PHE B 178 -12.65 8.27 -3.22
C PHE B 178 -13.56 7.57 -4.22
N PHE B 179 -14.75 8.12 -4.46
CA PHE B 179 -15.55 7.70 -5.60
C PHE B 179 -15.39 8.71 -6.73
N LYS B 180 -14.36 8.52 -7.56
CA LYS B 180 -14.06 9.44 -8.65
C LYS B 180 -13.90 8.65 -9.93
N THR B 181 -15.03 8.18 -10.45
CA THR B 181 -15.06 7.26 -11.58
C THR B 181 -14.48 7.92 -12.84
N ASP B 182 -13.50 7.27 -13.45
CA ASP B 182 -12.87 7.77 -14.66
C ASP B 182 -13.70 7.36 -15.87
N HIS B 183 -14.82 8.04 -16.07
CA HIS B 183 -15.82 7.64 -17.05
C HIS B 183 -15.29 7.59 -18.49
N LYS B 184 -14.28 8.40 -18.77
CA LYS B 184 -13.62 8.38 -20.08
C LYS B 184 -13.00 7.01 -20.34
N ARG B 185 -12.59 6.35 -19.27
CA ARG B 185 -11.93 5.06 -19.35
C ARG B 185 -12.95 3.94 -19.28
N GLY B 186 -13.80 4.01 -18.26
CA GLY B 186 -14.83 3.01 -18.03
C GLY B 186 -15.24 3.07 -16.57
N PRO B 187 -16.38 2.48 -16.24
CA PRO B 187 -16.86 2.50 -14.85
C PRO B 187 -15.98 1.66 -13.91
N ALA B 188 -15.09 0.85 -14.49
CA ALA B 188 -14.21 0.01 -13.70
C ALA B 188 -12.99 0.76 -13.17
N PHE B 189 -12.83 2.01 -13.58
CA PHE B 189 -11.61 2.75 -13.26
C PHE B 189 -11.84 4.00 -12.43
N THR B 190 -10.86 4.33 -11.60
CA THR B 190 -10.95 5.47 -10.70
C THR B 190 -9.83 6.48 -10.94
N ASN B 191 -10.11 7.75 -10.67
CA ASN B 191 -9.09 8.80 -10.67
C ASN B 191 -8.53 9.03 -9.27
N GLY B 192 -9.13 8.39 -8.28
CA GLY B 192 -8.70 8.54 -6.90
C GLY B 192 -7.63 7.52 -6.53
N LEU B 193 -6.41 7.76 -6.99
CA LEU B 193 -5.32 6.80 -6.83
C LEU B 193 -4.90 6.61 -5.37
N GLY B 194 -5.28 7.55 -4.49
CA GLY B 194 -5.00 7.41 -3.07
C GLY B 194 -5.90 6.40 -2.38
N HIS B 195 -7.01 6.06 -3.05
CA HIS B 195 -7.96 5.04 -2.58
C HIS B 195 -8.39 5.17 -1.12
N GLY B 196 -8.75 6.37 -0.71
CA GLY B 196 -9.25 6.58 0.63
C GLY B 196 -9.37 8.04 1.03
N VAL B 197 -9.40 8.28 2.33
CA VAL B 197 -9.55 9.62 2.87
C VAL B 197 -8.22 10.37 2.86
N ASP B 198 -7.87 10.95 1.72
CA ASP B 198 -6.66 11.75 1.61
C ASP B 198 -6.97 13.23 1.43
N LEU B 199 -8.26 13.54 1.37
CA LEU B 199 -8.77 14.90 1.17
C LEU B 199 -8.28 15.52 -0.14
N ASN B 200 -8.11 14.69 -1.16
CA ASN B 200 -7.75 15.16 -2.48
C ASN B 200 -8.85 16.06 -3.04
N HIS B 201 -10.06 15.94 -2.51
CA HIS B 201 -11.17 16.78 -2.94
C HIS B 201 -11.06 18.19 -2.37
N ILE B 202 -10.03 18.40 -1.55
CA ILE B 202 -9.70 19.73 -1.06
C ILE B 202 -8.38 20.23 -1.66
N TYR B 203 -7.38 19.35 -1.67
CA TYR B 203 -6.01 19.74 -1.98
C TYR B 203 -5.60 19.40 -3.41
N GLY B 204 -6.43 18.61 -4.09
CA GLY B 204 -6.11 18.17 -5.43
C GLY B 204 -5.47 16.79 -5.44
N GLU B 205 -5.74 16.04 -6.51
CA GLU B 205 -5.22 14.69 -6.66
C GLU B 205 -3.71 14.66 -6.96
N THR B 206 -3.20 15.66 -7.66
CA THR B 206 -1.77 15.74 -7.98
C THR B 206 -1.05 16.92 -7.32
N LEU B 207 0.27 16.84 -7.25
CA LEU B 207 1.07 17.94 -6.72
C LEU B 207 0.86 19.21 -7.54
N ALA B 208 0.71 19.05 -8.85
CA ALA B 208 0.52 20.18 -9.75
C ALA B 208 -0.74 20.97 -9.40
N ARG B 209 -1.83 20.26 -9.15
CA ARG B 209 -3.08 20.91 -8.80
C ARG B 209 -2.99 21.54 -7.40
N GLN B 210 -2.31 20.85 -6.50
CA GLN B 210 -2.10 21.36 -5.14
C GLN B 210 -1.40 22.72 -5.15
N ARG B 211 -0.38 22.84 -5.99
CA ARG B 211 0.40 24.07 -6.06
C ARG B 211 -0.38 25.22 -6.68
N LYS B 212 -1.40 24.90 -7.48
CA LYS B 212 -2.28 25.92 -8.04
C LYS B 212 -3.27 26.42 -6.99
N LEU B 213 -3.57 25.58 -6.01
CA LEU B 213 -4.58 25.92 -5.01
C LEU B 213 -3.97 26.53 -3.76
N ARG B 214 -2.70 26.27 -3.51
CA ARG B 214 -2.01 26.77 -2.33
C ARG B 214 -1.60 28.24 -2.45
N LEU B 215 -1.49 28.91 -1.30
CA LEU B 215 -1.10 30.31 -1.24
C LEU B 215 0.42 30.47 -1.10
N PHE B 216 1.05 29.48 -0.49
CA PHE B 216 2.48 29.47 -0.17
C PHE B 216 2.85 30.59 0.79
N LYS B 217 1.88 31.01 1.60
CA LYS B 217 2.16 31.80 2.79
C LYS B 217 1.43 31.19 3.97
N ASP B 218 2.15 31.00 5.07
CA ASP B 218 1.59 30.48 6.31
C ASP B 218 0.89 29.13 6.16
N GLY B 219 1.27 28.38 5.12
CA GLY B 219 0.72 27.06 4.90
C GLY B 219 -0.70 27.08 4.36
N LYS B 220 -1.20 28.26 4.05
CA LYS B 220 -2.61 28.41 3.73
C LYS B 220 -2.95 28.02 2.30
N MET B 221 -4.24 27.83 2.07
CA MET B 221 -4.80 27.63 0.75
C MET B 221 -5.34 28.96 0.24
N LYS B 222 -5.16 29.24 -1.06
CA LYS B 222 -5.65 30.46 -1.66
C LYS B 222 -7.15 30.65 -1.43
N TYR B 223 -7.59 31.89 -1.46
CA TYR B 223 -9.01 32.22 -1.30
C TYR B 223 -9.30 33.66 -1.73
N GLN B 224 -10.57 34.01 -1.75
CA GLN B 224 -10.97 35.39 -2.01
C GLN B 224 -12.01 35.83 -0.98
N ILE B 225 -11.99 37.11 -0.64
CA ILE B 225 -12.99 37.66 0.27
C ILE B 225 -14.14 38.27 -0.51
N ILE B 226 -15.35 37.74 -0.30
CA ILE B 226 -16.55 38.31 -0.90
C ILE B 226 -17.53 38.70 0.19
N ASP B 227 -17.90 39.97 0.21
CA ASP B 227 -18.78 40.51 1.25
C ASP B 227 -18.25 40.13 2.64
N GLY B 228 -16.97 40.37 2.86
CA GLY B 228 -16.36 40.12 4.15
C GLY B 228 -16.23 38.67 4.56
N GLU B 229 -16.47 37.75 3.63
CA GLU B 229 -16.42 36.33 3.93
C GLU B 229 -15.45 35.57 3.03
N MET B 230 -14.81 34.55 3.58
CA MET B 230 -13.81 33.77 2.86
C MET B 230 -14.45 32.73 1.94
N TYR B 231 -14.10 32.80 0.66
CA TYR B 231 -14.59 31.85 -0.33
C TYR B 231 -13.43 31.28 -1.13
N PRO B 232 -13.64 30.12 -1.77
CA PRO B 232 -12.59 29.56 -2.63
C PRO B 232 -12.16 30.54 -3.73
N PRO B 233 -10.97 30.32 -4.28
CA PRO B 233 -10.45 31.17 -5.36
C PRO B 233 -11.10 30.83 -6.70
N THR B 234 -10.81 31.60 -7.74
CA THR B 234 -11.37 31.32 -9.06
C THR B 234 -10.41 30.48 -9.90
N VAL B 235 -10.94 29.98 -11.01
CA VAL B 235 -10.13 29.28 -12.00
C VAL B 235 -9.14 30.25 -12.65
N LYS B 236 -9.60 31.48 -12.88
CA LYS B 236 -8.76 32.50 -13.50
C LYS B 236 -7.50 32.73 -12.67
N ASP B 237 -7.68 32.81 -11.36
CA ASP B 237 -6.62 33.01 -10.40
C ASP B 237 -5.70 31.79 -10.26
N THR B 238 -6.28 30.64 -9.92
CA THR B 238 -5.50 29.43 -9.65
C THR B 238 -4.98 28.72 -10.89
N GLN B 239 -5.70 28.86 -12.01
CA GLN B 239 -5.46 28.11 -13.24
C GLN B 239 -5.78 26.61 -13.05
N ALA B 240 -6.32 26.26 -11.89
CA ALA B 240 -6.75 24.90 -11.61
C ALA B 240 -8.11 24.65 -12.23
N GLU B 241 -8.17 23.79 -13.24
CA GLU B 241 -9.37 23.67 -14.04
C GLU B 241 -10.53 23.03 -13.28
N MET B 242 -11.74 23.49 -13.63
CA MET B 242 -12.97 23.00 -13.04
C MET B 242 -13.97 22.71 -14.15
N ILE B 243 -14.95 21.87 -13.87
CA ILE B 243 -16.01 21.60 -14.82
C ILE B 243 -17.16 22.59 -14.65
N TYR B 244 -17.28 23.51 -15.60
CA TYR B 244 -18.38 24.48 -15.60
C TYR B 244 -18.96 24.63 -17.00
N PRO B 245 -20.29 24.79 -17.09
CA PRO B 245 -20.95 25.17 -18.34
C PRO B 245 -20.64 26.62 -18.69
N PRO B 246 -20.63 26.96 -19.98
CA PRO B 246 -20.27 28.30 -20.45
C PRO B 246 -21.15 29.40 -19.86
N GLN B 247 -22.29 29.03 -19.29
CA GLN B 247 -23.21 30.00 -18.72
C GLN B 247 -22.66 30.64 -17.45
N VAL B 248 -21.78 29.93 -16.76
CA VAL B 248 -21.18 30.47 -15.53
C VAL B 248 -20.08 31.47 -15.85
N PRO B 249 -20.26 32.72 -15.38
CA PRO B 249 -19.25 33.76 -15.64
C PRO B 249 -17.94 33.47 -14.90
N GLU B 250 -16.86 34.08 -15.36
CA GLU B 250 -15.53 33.83 -14.82
C GLU B 250 -15.43 34.01 -13.32
N HIS B 251 -15.98 35.10 -12.81
CA HIS B 251 -15.85 35.45 -11.41
C HIS B 251 -16.60 34.51 -10.48
N LEU B 252 -17.39 33.60 -11.05
CA LEU B 252 -18.17 32.67 -10.25
C LEU B 252 -17.66 31.23 -10.37
N ARG B 253 -16.64 31.04 -11.19
CA ARG B 253 -16.03 29.72 -11.35
C ARG B 253 -15.03 29.43 -10.23
N PHE B 254 -15.52 28.93 -9.11
CA PHE B 254 -14.68 28.62 -7.96
C PHE B 254 -13.82 27.38 -8.20
N ALA B 255 -12.55 27.46 -7.81
CA ALA B 255 -11.64 26.34 -7.97
C ALA B 255 -11.41 25.63 -6.64
N VAL B 256 -11.73 24.35 -6.60
CA VAL B 256 -11.46 23.54 -5.41
C VAL B 256 -10.79 22.24 -5.83
N GLY B 257 -10.35 21.46 -4.84
CA GLY B 257 -9.64 20.21 -5.08
C GLY B 257 -10.34 19.31 -6.08
N GLN B 258 -11.61 19.05 -5.86
CA GLN B 258 -12.37 18.18 -6.75
C GLN B 258 -13.02 18.95 -7.90
N GLU B 259 -12.75 18.49 -9.11
CA GLU B 259 -13.14 19.18 -10.34
C GLU B 259 -14.65 19.32 -10.58
N VAL B 260 -15.45 18.48 -9.91
CA VAL B 260 -16.90 18.49 -10.17
C VAL B 260 -17.70 19.20 -9.09
N PHE B 261 -17.03 19.75 -8.08
CA PHE B 261 -17.76 20.32 -6.95
C PHE B 261 -18.40 21.65 -7.28
N GLY B 262 -18.18 22.14 -8.49
CA GLY B 262 -18.89 23.30 -8.99
C GLY B 262 -20.33 22.96 -9.37
N LEU B 263 -20.59 21.66 -9.52
CA LEU B 263 -21.90 21.17 -9.95
C LEU B 263 -23.04 21.52 -9.00
N VAL B 264 -22.80 21.39 -7.70
CA VAL B 264 -23.86 21.57 -6.71
C VAL B 264 -23.43 22.52 -5.60
N PRO B 265 -24.23 23.56 -5.34
CA PRO B 265 -23.94 24.55 -4.29
C PRO B 265 -23.75 23.91 -2.92
N GLY B 266 -24.41 22.77 -2.68
CA GLY B 266 -24.23 22.02 -1.47
C GLY B 266 -22.83 21.45 -1.33
N LEU B 267 -22.23 21.07 -2.47
CA LEU B 267 -20.84 20.61 -2.48
C LEU B 267 -19.89 21.78 -2.26
N MET B 268 -20.19 22.90 -2.94
CA MET B 268 -19.36 24.09 -2.83
C MET B 268 -19.45 24.68 -1.42
N MET B 269 -20.56 24.41 -0.74
CA MET B 269 -20.72 24.84 0.65
C MET B 269 -19.70 24.13 1.54
N TYR B 270 -19.58 22.82 1.38
CA TYR B 270 -18.68 22.05 2.20
C TYR B 270 -17.22 22.32 1.82
N ALA B 271 -16.98 22.53 0.52
CA ALA B 271 -15.65 22.91 0.03
C ALA B 271 -15.19 24.19 0.72
N THR B 272 -16.07 25.18 0.71
CA THR B 272 -15.82 26.46 1.36
C THR B 272 -15.52 26.27 2.84
N ILE B 273 -16.38 25.51 3.53
CA ILE B 273 -16.22 25.27 4.96
C ILE B 273 -14.89 24.57 5.28
N TRP B 274 -14.53 23.55 4.50
CA TRP B 274 -13.28 22.84 4.75
C TRP B 274 -12.05 23.70 4.41
N LEU B 275 -12.21 24.57 3.42
CA LEU B 275 -11.17 25.53 3.07
C LEU B 275 -10.87 26.44 4.26
N ARG B 276 -11.91 27.03 4.82
CA ARG B 276 -11.80 27.88 5.99
C ARG B 276 -11.14 27.16 7.15
N GLU B 277 -11.50 25.89 7.34
CA GLU B 277 -10.93 25.11 8.43
C GLU B 277 -9.43 24.93 8.28
N HIS B 278 -8.99 24.65 7.06
CA HIS B 278 -7.56 24.51 6.79
C HIS B 278 -6.78 25.76 7.23
N ASN B 279 -7.23 26.92 6.76
CA ASN B 279 -6.56 28.18 7.09
C ASN B 279 -6.69 28.53 8.56
N ARG B 280 -7.79 28.10 9.17
CA ARG B 280 -7.96 28.28 10.61
C ARG B 280 -6.91 27.47 11.37
N VAL B 281 -6.64 26.26 10.90
CA VAL B 281 -5.67 25.38 11.54
C VAL B 281 -4.25 25.90 11.32
N CYS B 282 -4.00 26.48 10.14
CA CYS B 282 -2.71 27.11 9.89
C CYS B 282 -2.44 28.20 10.94
N ASP B 283 -3.45 29.02 11.20
CA ASP B 283 -3.33 30.09 12.18
C ASP B 283 -2.98 29.54 13.56
N VAL B 284 -3.62 28.44 13.95
CA VAL B 284 -3.34 27.82 15.24
C VAL B 284 -1.91 27.28 15.28
N LEU B 285 -1.54 26.54 14.24
CA LEU B 285 -0.21 25.95 14.17
C LEU B 285 0.90 27.01 14.16
N LYS B 286 0.61 28.16 13.57
CA LYS B 286 1.57 29.25 13.50
C LYS B 286 1.79 29.89 14.87
N GLN B 287 0.74 29.96 15.67
CA GLN B 287 0.88 30.50 17.01
C GLN B 287 1.73 29.54 17.85
N GLU B 288 1.56 28.24 17.60
CA GLU B 288 2.32 27.23 18.30
C GLU B 288 3.74 27.11 17.76
N HIS B 289 3.89 27.28 16.46
CA HIS B 289 5.20 27.13 15.82
C HIS B 289 5.59 28.33 14.96
N PRO B 290 5.98 29.44 15.60
CA PRO B 290 6.46 30.63 14.86
C PRO B 290 7.68 30.30 14.00
N GLU B 291 8.38 29.23 14.34
CA GLU B 291 9.62 28.86 13.66
C GLU B 291 9.37 28.07 12.39
N TRP B 292 8.16 27.53 12.24
CA TRP B 292 7.82 26.70 11.08
C TRP B 292 7.69 27.48 9.78
N GLY B 293 7.95 26.80 8.67
CA GLY B 293 7.79 27.39 7.35
C GLY B 293 6.43 27.07 6.75
N ASP B 294 6.17 27.64 5.57
CA ASP B 294 4.92 27.44 4.86
C ASP B 294 4.62 25.96 4.58
N GLU B 295 5.64 25.22 4.15
CA GLU B 295 5.45 23.83 3.74
C GLU B 295 5.01 22.94 4.91
N GLN B 296 5.68 23.08 6.06
CA GLN B 296 5.33 22.25 7.21
C GLN B 296 3.98 22.64 7.78
N LEU B 297 3.66 23.93 7.69
CA LEU B 297 2.38 24.43 8.15
C LEU B 297 1.26 23.83 7.31
N PHE B 298 1.50 23.74 6.01
CA PHE B 298 0.50 23.17 5.10
C PHE B 298 0.29 21.67 5.36
N GLN B 299 1.39 20.93 5.38
CA GLN B 299 1.31 19.49 5.49
C GLN B 299 0.70 19.06 6.83
N THR B 300 1.08 19.75 7.90
CA THR B 300 0.57 19.43 9.22
C THR B 300 -0.92 19.75 9.31
N SER B 301 -1.34 20.83 8.67
CA SER B 301 -2.76 21.19 8.64
C SER B 301 -3.55 20.12 7.90
N ARG B 302 -2.99 19.63 6.79
CA ARG B 302 -3.65 18.60 6.00
C ARG B 302 -3.86 17.33 6.83
N LEU B 303 -2.81 16.88 7.49
CA LEU B 303 -2.89 15.69 8.34
C LEU B 303 -3.96 15.85 9.43
N ILE B 304 -4.00 17.02 10.05
CA ILE B 304 -5.00 17.33 11.06
C ILE B 304 -6.42 17.26 10.48
N LEU B 305 -6.60 17.84 9.30
CA LEU B 305 -7.91 17.84 8.65
C LEU B 305 -8.35 16.44 8.27
N ILE B 306 -7.41 15.59 7.89
CA ILE B 306 -7.71 14.19 7.61
C ILE B 306 -8.24 13.54 8.88
N GLY B 307 -7.60 13.86 10.00
CA GLY B 307 -8.03 13.36 11.28
C GLY B 307 -9.42 13.85 11.66
N GLU B 308 -9.66 15.13 11.44
CA GLU B 308 -10.96 15.72 11.73
C GLU B 308 -12.04 15.01 10.95
N THR B 309 -11.75 14.74 9.67
CA THR B 309 -12.68 14.08 8.79
C THR B 309 -13.06 12.69 9.30
N ILE B 310 -12.06 11.89 9.62
CA ILE B 310 -12.32 10.53 10.08
C ILE B 310 -13.09 10.55 11.40
N LYS B 311 -12.66 11.43 12.30
CA LYS B 311 -13.35 11.65 13.56
C LYS B 311 -14.84 11.99 13.36
N ILE B 312 -15.11 12.95 12.48
CA ILE B 312 -16.46 13.44 12.25
C ILE B 312 -17.31 12.37 11.56
N VAL B 313 -16.71 11.63 10.64
CA VAL B 313 -17.43 10.59 9.92
C VAL B 313 -17.86 9.45 10.86
N ILE B 314 -16.97 9.03 11.75
CA ILE B 314 -17.31 7.97 12.70
C ILE B 314 -18.30 8.41 13.79
N GLU B 315 -17.97 9.47 14.52
CA GLU B 315 -18.74 9.84 15.71
C GLU B 315 -19.99 10.69 15.46
N ASP B 316 -20.09 11.30 14.27
CA ASP B 316 -21.29 12.04 13.92
C ASP B 316 -22.07 11.40 12.78
N TYR B 317 -21.39 11.18 11.67
CA TYR B 317 -21.94 10.67 10.44
C TYR B 317 -22.43 9.24 10.46
N VAL B 318 -21.54 8.33 10.76
CA VAL B 318 -21.91 6.92 10.88
C VAL B 318 -22.77 6.73 12.12
N GLN B 319 -22.55 7.58 13.13
CA GLN B 319 -23.36 7.57 14.34
C GLN B 319 -24.84 7.87 14.04
N HIS B 320 -25.10 8.95 13.32
CA HIS B 320 -26.47 9.29 12.91
C HIS B 320 -27.06 8.16 12.09
N LEU B 321 -26.33 7.79 11.04
CA LEU B 321 -26.67 6.71 10.15
C LEU B 321 -27.07 5.42 10.86
N SER B 322 -26.27 5.03 11.84
CA SER B 322 -26.44 3.75 12.52
C SER B 322 -27.73 3.67 13.32
N GLY B 323 -28.12 4.79 13.92
CA GLY B 323 -29.29 4.82 14.78
C GLY B 323 -29.05 4.15 16.12
N TYR B 324 -27.78 3.93 16.43
CA TYR B 324 -27.38 3.25 17.67
C TYR B 324 -27.48 4.16 18.89
N HIS B 325 -27.88 3.58 20.02
CA HIS B 325 -27.83 4.28 21.29
C HIS B 325 -26.38 4.37 21.78
N PHE B 326 -25.60 3.34 21.45
CA PHE B 326 -24.18 3.31 21.74
C PHE B 326 -23.45 4.43 20.99
N LYS B 327 -22.56 5.13 21.68
CA LYS B 327 -21.76 6.19 21.05
C LYS B 327 -20.48 5.63 20.46
N LEU B 328 -20.47 5.46 19.14
CA LEU B 328 -19.27 5.04 18.42
C LEU B 328 -18.10 5.97 18.76
N LYS B 329 -16.89 5.42 18.71
CA LYS B 329 -15.70 6.15 19.09
C LYS B 329 -14.62 6.05 18.03
N PHE B 330 -13.98 7.18 17.71
CA PHE B 330 -12.80 7.14 16.86
C PHE B 330 -11.58 7.06 17.75
N ASP B 331 -10.90 5.93 17.71
CA ASP B 331 -9.72 5.73 18.53
C ASP B 331 -8.84 4.64 17.94
N PRO B 332 -7.85 5.06 17.14
CA PRO B 332 -6.85 4.19 16.52
C PRO B 332 -6.20 3.20 17.50
N GLU B 333 -6.05 3.60 18.76
CA GLU B 333 -5.37 2.77 19.75
C GLU B 333 -6.11 1.45 20.01
N LEU B 334 -7.39 1.41 19.67
CA LEU B 334 -8.21 0.22 19.85
C LEU B 334 -7.74 -0.96 18.99
N LEU B 335 -6.91 -0.68 17.99
CA LEU B 335 -6.47 -1.72 17.07
C LEU B 335 -4.99 -2.07 17.24
N PHE B 336 -4.32 -1.42 18.18
CA PHE B 336 -2.87 -1.58 18.32
C PHE B 336 -2.46 -2.96 18.83
N ASN B 337 -3.38 -3.65 19.50
CA ASN B 337 -3.14 -5.01 19.94
C ASN B 337 -4.01 -6.00 19.19
N LYS B 338 -4.43 -5.60 18.00
CA LYS B 338 -5.19 -6.45 17.09
C LYS B 338 -4.42 -6.57 15.78
N GLN B 339 -4.67 -7.62 15.01
CA GLN B 339 -4.09 -7.67 13.67
C GLN B 339 -5.01 -6.95 12.69
N PHE B 340 -4.44 -5.99 12.00
CA PHE B 340 -5.18 -5.10 11.12
C PHE B 340 -4.22 -4.50 10.11
N GLN B 341 -4.65 -4.40 8.85
CA GLN B 341 -3.82 -3.85 7.79
C GLN B 341 -4.14 -2.38 7.55
N TYR B 342 -3.13 -1.53 7.70
CA TYR B 342 -3.32 -0.10 7.42
C TYR B 342 -3.10 0.16 5.94
N GLN B 343 -4.01 -0.38 5.14
CA GLN B 343 -4.07 -0.13 3.71
C GLN B 343 -5.48 -0.44 3.23
N ASN B 344 -5.89 0.19 2.14
CA ASN B 344 -7.21 -0.09 1.59
C ASN B 344 -7.29 0.26 0.11
N ARG B 345 -8.19 -0.42 -0.58
CA ARG B 345 -8.41 -0.20 -2.00
C ARG B 345 -9.92 -0.09 -2.20
N ILE B 346 -10.36 0.95 -2.91
CA ILE B 346 -11.79 1.24 -3.04
C ILE B 346 -12.49 0.21 -3.90
N ALA B 347 -13.54 -0.40 -3.35
CA ALA B 347 -14.31 -1.40 -4.07
C ALA B 347 -15.39 -0.78 -4.95
N ALA B 348 -15.50 -1.29 -6.18
CA ALA B 348 -16.53 -0.86 -7.12
C ALA B 348 -17.91 -1.02 -6.49
N GLU B 349 -18.11 -2.12 -5.77
CA GLU B 349 -19.39 -2.40 -5.15
C GLU B 349 -19.68 -1.42 -4.04
N PHE B 350 -18.65 -0.86 -3.45
CA PHE B 350 -18.80 0.13 -2.41
C PHE B 350 -19.31 1.40 -3.06
N ASN B 351 -18.81 1.67 -4.24
CA ASN B 351 -19.28 2.81 -5.02
C ASN B 351 -20.76 2.62 -5.35
N THR B 352 -21.11 1.46 -5.89
CA THR B 352 -22.48 1.21 -6.32
C THR B 352 -23.49 1.31 -5.18
N LEU B 353 -23.18 0.76 -4.01
CA LEU B 353 -24.15 0.78 -2.93
C LEU B 353 -24.31 2.20 -2.38
N TYR B 354 -23.34 3.05 -2.64
CA TYR B 354 -23.40 4.41 -2.19
C TYR B 354 -24.15 5.33 -3.12
N HIS B 355 -24.81 4.77 -4.12
CA HIS B 355 -25.61 5.59 -5.02
C HIS B 355 -26.94 5.89 -4.35
N TRP B 356 -26.91 6.82 -3.39
CA TRP B 356 -28.06 7.14 -2.56
C TRP B 356 -28.88 8.31 -3.10
N HIS B 357 -29.25 8.26 -4.37
CA HIS B 357 -30.05 9.32 -5.01
CA HIS B 357 -29.95 9.41 -4.90
C HIS B 357 -31.39 9.58 -4.36
N PRO B 358 -32.01 8.53 -3.77
CA PRO B 358 -33.29 8.88 -3.14
C PRO B 358 -33.22 9.86 -1.97
N LEU B 359 -32.03 10.11 -1.43
CA LEU B 359 -31.82 11.17 -0.44
C LEU B 359 -32.28 12.54 -0.93
N LEU B 360 -32.12 12.77 -2.24
CA LEU B 360 -32.39 14.08 -2.84
C LEU B 360 -33.86 14.48 -2.78
N PRO B 361 -34.12 15.75 -2.44
CA PRO B 361 -35.49 16.28 -2.32
C PRO B 361 -36.11 16.60 -3.67
N ASP B 362 -37.39 16.96 -3.66
CA ASP B 362 -38.06 17.39 -4.87
C ASP B 362 -37.54 18.76 -5.30
N THR B 363 -37.36 19.65 -4.33
CA THR B 363 -36.71 20.94 -4.56
C THR B 363 -35.74 21.25 -3.44
N PHE B 364 -34.92 22.28 -3.66
CA PHE B 364 -33.98 22.71 -2.63
C PHE B 364 -34.42 24.05 -2.03
N GLN B 365 -34.58 24.06 -0.71
CA GLN B 365 -35.08 25.25 -0.02
C GLN B 365 -33.97 26.00 0.71
N ILE B 366 -33.59 27.16 0.19
CA ILE B 366 -32.70 28.06 0.89
C ILE B 366 -33.48 29.30 1.31
N HIS B 367 -33.60 29.49 2.63
CA HIS B 367 -34.36 30.61 3.18
C HIS B 367 -35.79 30.62 2.62
N ASP B 368 -36.25 31.79 2.16
CA ASP B 368 -37.59 31.90 1.61
C ASP B 368 -37.73 31.33 0.21
N GLN B 369 -36.60 30.98 -0.40
CA GLN B 369 -36.61 30.57 -1.80
C GLN B 369 -36.56 29.06 -1.99
N LYS B 370 -37.22 28.59 -3.04
CA LYS B 370 -37.13 27.20 -3.45
C LYS B 370 -36.53 27.14 -4.85
N TYR B 371 -35.63 26.19 -5.07
CA TYR B 371 -35.01 26.02 -6.38
C TYR B 371 -35.24 24.61 -6.90
N ASN B 372 -35.67 24.50 -8.15
CA ASN B 372 -35.72 23.18 -8.78
C ASN B 372 -34.30 22.79 -9.18
N TYR B 373 -34.13 21.59 -9.72
CA TYR B 373 -32.80 21.09 -10.06
C TYR B 373 -32.11 21.95 -11.09
N GLN B 374 -32.86 22.36 -12.11
CA GLN B 374 -32.36 23.21 -13.18
C GLN B 374 -31.79 24.53 -12.68
N GLN B 375 -32.38 25.07 -11.62
CA GLN B 375 -31.93 26.34 -11.06
C GLN B 375 -30.77 26.16 -10.10
N PHE B 376 -30.75 25.02 -9.42
CA PHE B 376 -29.80 24.77 -8.35
C PHE B 376 -28.44 24.38 -8.90
N ILE B 377 -28.46 23.53 -9.93
CA ILE B 377 -27.24 23.01 -10.54
C ILE B 377 -26.31 24.12 -11.02
N TYR B 378 -25.02 23.95 -10.73
CA TYR B 378 -23.96 24.90 -11.09
C TYR B 378 -24.20 26.33 -10.61
N ASN B 379 -25.03 26.51 -9.59
CA ASN B 379 -25.37 27.86 -9.18
C ASN B 379 -24.60 28.38 -7.98
N ASN B 380 -23.36 28.78 -8.21
CA ASN B 380 -22.55 29.43 -7.19
C ASN B 380 -23.12 30.79 -6.82
N SER B 381 -23.85 31.38 -7.74
CA SER B 381 -24.44 32.69 -7.53
C SER B 381 -25.41 32.73 -6.34
N ILE B 382 -26.13 31.64 -6.12
CA ILE B 382 -27.09 31.62 -5.01
C ILE B 382 -26.41 31.22 -3.71
N LEU B 383 -25.20 30.66 -3.81
CA LEU B 383 -24.37 30.47 -2.63
C LEU B 383 -23.92 31.81 -2.08
N LEU B 384 -23.49 32.71 -2.97
CA LEU B 384 -23.06 34.04 -2.58
C LEU B 384 -24.23 34.89 -2.11
N GLU B 385 -25.39 34.67 -2.72
CA GLU B 385 -26.58 35.45 -2.39
C GLU B 385 -27.04 35.22 -0.96
N HIS B 386 -27.06 33.96 -0.53
CA HIS B 386 -27.52 33.62 0.80
C HIS B 386 -26.37 33.56 1.82
N GLY B 387 -25.21 33.09 1.38
CA GLY B 387 -24.07 32.93 2.27
C GLY B 387 -24.09 31.56 2.94
N ILE B 388 -22.98 31.19 3.55
CA ILE B 388 -22.85 29.86 4.13
C ILE B 388 -23.76 29.69 5.35
N THR B 389 -23.83 30.72 6.18
CA THR B 389 -24.68 30.69 7.37
C THR B 389 -26.11 30.32 7.03
N GLN B 390 -26.65 30.98 6.00
CA GLN B 390 -28.01 30.71 5.57
C GLN B 390 -28.13 29.30 4.99
N PHE B 391 -27.09 28.90 4.24
CA PHE B 391 -27.07 27.56 3.67
C PHE B 391 -27.11 26.48 4.75
N VAL B 392 -26.38 26.70 5.83
CA VAL B 392 -26.32 25.73 6.91
C VAL B 392 -27.65 25.65 7.66
N GLU B 393 -28.22 26.81 7.96
CA GLU B 393 -29.49 26.87 8.69
C GLU B 393 -30.60 26.17 7.90
N SER B 394 -30.63 26.39 6.60
CA SER B 394 -31.65 25.82 5.73
C SER B 394 -31.47 24.31 5.56
N PHE B 395 -30.23 23.89 5.31
CA PHE B 395 -29.94 22.49 5.08
C PHE B 395 -30.18 21.64 6.32
N THR B 396 -29.98 22.24 7.49
CA THR B 396 -30.19 21.53 8.75
C THR B 396 -31.65 21.14 8.93
N ARG B 397 -32.54 21.94 8.36
CA ARG B 397 -33.98 21.80 8.61
C ARG B 397 -34.74 21.10 7.50
N GLN B 398 -34.12 20.93 6.33
CA GLN B 398 -34.79 20.26 5.23
C GLN B 398 -34.53 18.75 5.26
N ILE B 399 -35.62 17.99 5.35
CA ILE B 399 -35.55 16.54 5.45
C ILE B 399 -35.08 15.89 4.13
N ALA B 400 -34.28 14.84 4.24
CA ALA B 400 -33.86 14.06 3.09
C ALA B 400 -34.81 12.89 2.83
N GLY B 401 -34.71 12.29 1.65
CA GLY B 401 -35.56 11.17 1.30
C GLY B 401 -35.03 9.86 1.83
N ARG B 402 -35.94 8.92 2.06
CA ARG B 402 -35.58 7.58 2.51
C ARG B 402 -34.90 6.81 1.36
N VAL B 403 -33.86 6.05 1.69
CA VAL B 403 -33.07 5.39 0.65
C VAL B 403 -33.58 3.98 0.34
N ALA B 404 -33.96 3.22 1.35
CA ALA B 404 -34.54 1.89 1.13
C ALA B 404 -36.06 1.98 0.99
N GLY B 405 -36.67 0.87 0.58
CA GLY B 405 -38.12 0.80 0.51
C GLY B 405 -38.69 1.06 -0.87
N GLY B 406 -37.83 1.47 -1.80
CA GLY B 406 -38.21 1.60 -3.20
C GLY B 406 -38.95 2.87 -3.57
N ARG B 407 -38.99 3.12 -4.88
CA ARG B 407 -39.79 4.18 -5.49
C ARG B 407 -39.63 5.54 -4.82
N ASN B 408 -38.40 5.98 -4.67
CA ASN B 408 -38.13 7.26 -4.04
C ASN B 408 -36.99 8.00 -4.72
N VAL B 409 -36.72 7.65 -5.97
CA VAL B 409 -35.67 8.33 -6.73
C VAL B 409 -36.27 9.47 -7.54
N PRO B 410 -35.82 10.70 -7.27
CA PRO B 410 -36.24 11.88 -8.03
C PRO B 410 -36.12 11.64 -9.53
N PRO B 411 -37.22 11.85 -10.27
CA PRO B 411 -37.25 11.73 -11.73
C PRO B 411 -36.16 12.54 -12.41
N ALA B 412 -35.77 13.66 -11.81
CA ALA B 412 -34.69 14.49 -12.34
C ALA B 412 -33.40 13.68 -12.55
N VAL B 413 -33.12 12.73 -11.66
CA VAL B 413 -31.93 11.91 -11.78
C VAL B 413 -32.26 10.49 -12.22
N GLN B 414 -33.31 10.35 -13.03
CA GLN B 414 -33.76 9.05 -13.52
C GLN B 414 -32.67 8.28 -14.27
N LYS B 415 -32.03 8.94 -15.22
CA LYS B 415 -31.06 8.27 -16.09
C LYS B 415 -29.75 7.99 -15.37
N VAL B 416 -29.52 8.70 -14.27
CA VAL B 416 -28.40 8.39 -13.40
C VAL B 416 -28.63 7.03 -12.77
N SER B 417 -29.85 6.81 -12.31
CA SER B 417 -30.24 5.57 -11.68
C SER B 417 -30.11 4.41 -12.68
N GLN B 418 -30.55 4.66 -13.91
CA GLN B 418 -30.44 3.67 -14.98
C GLN B 418 -28.97 3.37 -15.28
N ALA B 419 -28.15 4.41 -15.25
CA ALA B 419 -26.72 4.29 -15.54
C ALA B 419 -26.03 3.43 -14.47
N SER B 420 -26.56 3.49 -13.26
CA SER B 420 -26.02 2.72 -12.15
C SER B 420 -26.21 1.22 -12.42
N ILE B 421 -27.38 0.87 -12.97
CA ILE B 421 -27.68 -0.51 -13.34
C ILE B 421 -26.89 -0.95 -14.56
N ASP B 422 -26.82 -0.09 -15.57
CA ASP B 422 -26.11 -0.43 -16.80
C ASP B 422 -24.62 -0.65 -16.54
N GLN B 423 -24.04 0.20 -15.70
CA GLN B 423 -22.61 0.08 -15.38
C GLN B 423 -22.31 -1.17 -14.56
N SER B 424 -23.26 -1.56 -13.70
CA SER B 424 -23.15 -2.80 -12.96
CA SER B 424 -23.14 -2.80 -12.96
C SER B 424 -23.01 -3.98 -13.90
N ARG B 425 -23.85 -3.98 -14.95
CA ARG B 425 -23.86 -5.06 -15.92
C ARG B 425 -22.60 -5.04 -16.78
N GLN B 426 -22.13 -3.85 -17.10
CA GLN B 426 -20.89 -3.69 -17.86
C GLN B 426 -19.70 -4.25 -17.09
N MET B 427 -19.72 -4.11 -15.76
CA MET B 427 -18.64 -4.58 -14.92
C MET B 427 -18.87 -6.04 -14.49
N LYS B 428 -19.94 -6.62 -15.02
CA LYS B 428 -20.29 -8.02 -14.80
C LYS B 428 -20.44 -8.39 -13.32
N TYR B 429 -21.17 -7.56 -12.57
CA TYR B 429 -21.48 -7.86 -11.17
C TYR B 429 -22.21 -9.17 -11.02
N GLN B 430 -21.95 -9.86 -9.92
CA GLN B 430 -22.75 -11.03 -9.55
C GLN B 430 -24.05 -10.55 -8.94
N SER B 431 -24.94 -11.50 -8.64
CA SER B 431 -26.26 -11.15 -8.13
C SER B 431 -26.23 -10.63 -6.70
N PHE B 432 -27.30 -9.94 -6.33
CA PHE B 432 -27.51 -9.45 -4.98
C PHE B 432 -27.35 -10.54 -3.93
N ASN B 433 -27.91 -11.72 -4.19
CA ASN B 433 -27.83 -12.84 -3.27
C ASN B 433 -26.39 -13.32 -3.07
N GLU B 434 -25.62 -13.35 -4.14
CA GLU B 434 -24.21 -13.72 -4.04
C GLU B 434 -23.49 -12.74 -3.13
N TYR B 435 -23.87 -11.47 -3.20
CA TYR B 435 -23.25 -10.45 -2.36
C TYR B 435 -23.72 -10.55 -0.92
N ARG B 436 -24.92 -11.06 -0.70
CA ARG B 436 -25.40 -11.35 0.64
C ARG B 436 -24.52 -12.43 1.28
N LYS B 437 -24.33 -13.52 0.56
CA LYS B 437 -23.52 -14.63 1.04
C LYS B 437 -22.08 -14.17 1.27
N ARG B 438 -21.56 -13.39 0.33
CA ARG B 438 -20.21 -12.85 0.42
C ARG B 438 -19.96 -12.11 1.74
N PHE B 439 -21.02 -11.55 2.32
CA PHE B 439 -20.88 -10.84 3.58
C PHE B 439 -21.58 -11.55 4.72
N MET B 440 -21.59 -12.88 4.65
CA MET B 440 -22.12 -13.75 5.70
C MET B 440 -23.60 -13.57 6.02
N LEU B 441 -24.39 -13.23 5.01
CA LEU B 441 -25.83 -13.09 5.19
C LEU B 441 -26.58 -14.23 4.53
N LYS B 442 -27.69 -14.65 5.13
CA LYS B 442 -28.57 -15.63 4.49
C LYS B 442 -29.11 -15.02 3.21
N PRO B 443 -29.03 -15.76 2.09
CA PRO B 443 -29.66 -15.28 0.86
C PRO B 443 -31.17 -15.19 1.03
N TYR B 444 -31.84 -14.38 0.21
CA TYR B 444 -33.29 -14.28 0.27
C TYR B 444 -33.93 -15.43 -0.49
N GLU B 445 -35.00 -15.99 0.09
CA GLU B 445 -35.65 -17.17 -0.47
C GLU B 445 -36.74 -16.79 -1.47
N SER B 446 -37.19 -15.53 -1.40
CA SER B 446 -38.27 -15.06 -2.27
C SER B 446 -38.20 -13.56 -2.46
N PHE B 447 -38.91 -13.07 -3.47
CA PHE B 447 -39.02 -11.64 -3.72
C PHE B 447 -39.70 -10.94 -2.57
N GLU B 448 -40.74 -11.59 -2.04
CA GLU B 448 -41.54 -11.03 -0.96
C GLU B 448 -40.70 -10.83 0.30
N GLU B 449 -39.79 -11.77 0.55
CA GLU B 449 -38.91 -11.66 1.71
C GLU B 449 -37.98 -10.46 1.58
N LEU B 450 -37.63 -10.11 0.36
CA LEU B 450 -36.72 -8.98 0.11
C LEU B 450 -37.39 -7.62 0.38
N THR B 451 -38.67 -7.49 0.06
CA THR B 451 -39.34 -6.20 0.21
C THR B 451 -40.29 -6.15 1.41
N GLY B 452 -40.68 -7.32 1.92
CA GLY B 452 -41.65 -7.39 3.00
C GLY B 452 -42.96 -6.74 2.59
N GLU B 453 -43.32 -6.95 1.33
CA GLU B 453 -44.39 -6.19 0.70
C GLU B 453 -44.87 -6.94 -0.56
N LYS B 454 -46.08 -6.63 -1.03
CA LYS B 454 -46.71 -7.41 -2.09
C LYS B 454 -46.55 -6.85 -3.51
N GLU B 455 -46.58 -5.53 -3.65
CA GLU B 455 -46.66 -4.90 -4.96
C GLU B 455 -45.32 -4.89 -5.73
N MET B 456 -44.27 -4.39 -5.10
CA MET B 456 -42.96 -4.34 -5.75
C MET B 456 -42.35 -5.73 -5.93
N SER B 457 -42.55 -6.58 -4.94
CA SER B 457 -42.09 -7.97 -5.02
C SER B 457 -42.72 -8.68 -6.23
N ALA B 458 -43.95 -8.33 -6.54
CA ALA B 458 -44.63 -8.88 -7.71
C ALA B 458 -43.97 -8.43 -9.00
N GLU B 459 -43.64 -7.14 -9.10
CA GLU B 459 -42.96 -6.60 -10.27
C GLU B 459 -41.57 -7.25 -10.45
N LEU B 460 -40.86 -7.42 -9.34
CA LEU B 460 -39.53 -8.04 -9.39
C LEU B 460 -39.57 -9.45 -9.97
N GLU B 461 -40.60 -10.21 -9.62
CA GLU B 461 -40.76 -11.56 -10.14
C GLU B 461 -41.13 -11.52 -11.62
N ALA B 462 -41.89 -10.51 -12.02
CA ALA B 462 -42.26 -10.35 -13.43
C ALA B 462 -41.01 -10.02 -14.24
N LEU B 463 -40.16 -9.17 -13.69
CA LEU B 463 -38.95 -8.76 -14.39
C LEU B 463 -37.84 -9.81 -14.33
N TYR B 464 -37.55 -10.32 -13.14
CA TYR B 464 -36.39 -11.18 -12.93
C TYR B 464 -36.69 -12.68 -12.90
N GLY B 465 -37.91 -13.05 -12.51
CA GLY B 465 -38.32 -14.45 -12.47
C GLY B 465 -37.74 -15.26 -11.31
N ASP B 466 -36.45 -15.08 -11.04
CA ASP B 466 -35.75 -15.84 -10.02
C ASP B 466 -35.17 -14.87 -8.99
N ILE B 467 -35.40 -15.15 -7.70
CA ILE B 467 -34.87 -14.30 -6.64
C ILE B 467 -33.33 -14.25 -6.69
N ASP B 468 -32.71 -15.31 -7.19
CA ASP B 468 -31.26 -15.38 -7.29
C ASP B 468 -30.74 -14.59 -8.47
N ALA B 469 -31.64 -13.95 -9.21
CA ALA B 469 -31.25 -13.17 -10.38
C ALA B 469 -31.36 -11.67 -10.15
N VAL B 470 -31.88 -11.27 -8.99
CA VAL B 470 -32.03 -9.85 -8.70
C VAL B 470 -30.65 -9.20 -8.55
N GLU B 471 -30.48 -8.04 -9.17
CA GLU B 471 -29.22 -7.34 -9.18
C GLU B 471 -29.00 -6.53 -7.91
N LEU B 472 -27.73 -6.30 -7.58
CA LEU B 472 -27.34 -5.65 -6.34
C LEU B 472 -27.96 -4.27 -6.15
N TYR B 473 -27.80 -3.39 -7.13
CA TYR B 473 -28.23 -2.01 -6.96
C TYR B 473 -29.76 -1.85 -6.80
N PRO B 474 -30.58 -2.46 -7.68
CA PRO B 474 -32.02 -2.28 -7.45
C PRO B 474 -32.50 -2.91 -6.14
N ALA B 475 -31.92 -4.04 -5.76
CA ALA B 475 -32.34 -4.72 -4.54
C ALA B 475 -32.06 -3.89 -3.29
N LEU B 476 -30.93 -3.20 -3.27
CA LEU B 476 -30.58 -2.36 -2.14
C LEU B 476 -31.61 -1.25 -1.90
N LEU B 477 -32.20 -0.75 -2.98
CA LEU B 477 -33.10 0.38 -2.90
C LEU B 477 -34.55 -0.04 -2.64
N VAL B 478 -34.91 -1.28 -2.97
CA VAL B 478 -36.26 -1.78 -2.70
C VAL B 478 -36.32 -2.72 -1.51
N GLU B 479 -35.16 -3.02 -0.92
CA GLU B 479 -35.12 -3.94 0.21
C GLU B 479 -35.96 -3.41 1.36
N LYS B 480 -36.63 -4.33 2.05
CA LYS B 480 -37.40 -3.99 3.24
C LYS B 480 -36.51 -3.18 4.18
N PRO B 481 -36.90 -1.93 4.45
CA PRO B 481 -36.13 -1.13 5.41
C PRO B 481 -36.15 -1.80 6.78
N ARG B 482 -35.13 -1.54 7.58
CA ARG B 482 -35.21 -1.89 8.98
C ARG B 482 -36.25 -0.94 9.60
N PRO B 483 -36.83 -1.31 10.76
CA PRO B 483 -37.95 -0.51 11.27
C PRO B 483 -37.59 0.95 11.54
N ASP B 484 -38.35 1.85 10.91
CA ASP B 484 -38.13 3.29 11.00
C ASP B 484 -36.70 3.70 10.61
N ALA B 485 -36.05 2.86 9.82
CA ALA B 485 -34.67 3.09 9.42
C ALA B 485 -34.57 3.61 8.00
N ILE B 486 -33.41 4.15 7.65
CA ILE B 486 -33.20 4.67 6.31
C ILE B 486 -32.78 3.54 5.36
N PHE B 487 -32.24 2.47 5.94
CA PHE B 487 -31.66 1.37 5.18
C PHE B 487 -32.24 0.01 5.52
N GLY B 488 -32.13 -0.93 4.60
CA GLY B 488 -32.35 -2.33 4.90
C GLY B 488 -31.04 -2.94 5.40
N GLU B 489 -31.09 -4.19 5.85
CA GLU B 489 -29.93 -4.81 6.48
C GLU B 489 -28.73 -4.95 5.53
N THR B 490 -28.99 -5.17 4.25
CA THR B 490 -27.90 -5.46 3.33
C THR B 490 -27.04 -4.23 3.09
N MET B 491 -27.67 -3.06 2.98
CA MET B 491 -26.92 -1.82 2.87
C MET B 491 -25.91 -1.67 4.01
N VAL B 492 -26.37 -1.99 5.21
CA VAL B 492 -25.56 -1.84 6.41
C VAL B 492 -24.46 -2.90 6.54
N GLU B 493 -24.85 -4.16 6.41
CA GLU B 493 -23.93 -5.25 6.65
C GLU B 493 -22.87 -5.39 5.56
N VAL B 494 -23.12 -4.79 4.40
CA VAL B 494 -22.14 -4.76 3.33
C VAL B 494 -21.34 -3.44 3.39
N GLY B 495 -22.06 -2.34 3.55
CA GLY B 495 -21.44 -1.01 3.53
C GLY B 495 -20.53 -0.70 4.69
N ALA B 496 -20.89 -1.16 5.89
CA ALA B 496 -20.10 -0.87 7.09
C ALA B 496 -18.68 -1.47 7.06
N PRO B 497 -18.51 -2.73 6.60
CA PRO B 497 -17.13 -3.21 6.46
C PRO B 497 -16.27 -2.38 5.51
N PHE B 498 -16.77 -2.05 4.32
CA PHE B 498 -16.05 -1.18 3.41
C PHE B 498 -15.68 0.12 4.10
N SER B 499 -16.65 0.73 4.74
CA SER B 499 -16.50 2.01 5.37
C SER B 499 -15.57 2.11 6.55
N LEU B 500 -15.69 1.18 7.47
CA LEU B 500 -14.86 1.21 8.65
C LEU B 500 -13.41 0.84 8.34
N LYS B 501 -13.24 -0.14 7.44
CA LYS B 501 -11.92 -0.54 6.98
C LYS B 501 -11.17 0.63 6.36
N GLY B 502 -11.86 1.39 5.52
CA GLY B 502 -11.25 2.52 4.86
C GLY B 502 -11.00 3.70 5.77
N LEU B 503 -11.75 3.77 6.86
CA LEU B 503 -11.54 4.83 7.85
C LEU B 503 -10.36 4.50 8.75
N MET B 504 -10.44 3.35 9.43
CA MET B 504 -9.41 2.96 10.38
C MET B 504 -8.11 2.55 9.69
N GLY B 505 -8.21 2.15 8.42
CA GLY B 505 -7.05 1.71 7.67
C GLY B 505 -6.19 2.85 7.16
N ASN B 506 -6.64 4.08 7.39
CA ASN B 506 -5.87 5.27 7.01
C ASN B 506 -4.51 5.30 7.72
N VAL B 507 -3.48 5.72 7.00
CA VAL B 507 -2.11 5.70 7.52
C VAL B 507 -1.97 6.47 8.84
N ILE B 508 -2.73 7.55 9.03
CA ILE B 508 -2.60 8.31 10.28
C ILE B 508 -3.13 7.51 11.48
N CYS B 509 -3.86 6.42 11.21
CA CYS B 509 -4.35 5.58 12.30
C CYS B 509 -3.35 4.51 12.71
N SER B 510 -2.22 4.44 12.01
CA SER B 510 -1.19 3.46 12.33
C SER B 510 -0.35 3.94 13.52
N PRO B 511 0.26 2.99 14.26
CA PRO B 511 1.08 3.30 15.45
C PRO B 511 2.16 4.33 15.19
N ALA B 512 2.80 4.27 14.02
CA ALA B 512 3.89 5.17 13.69
C ALA B 512 3.40 6.59 13.51
N TYR B 513 2.12 6.74 13.15
CA TYR B 513 1.56 8.06 12.85
C TYR B 513 0.71 8.64 13.98
N TRP B 514 -0.09 7.80 14.64
CA TRP B 514 -1.00 8.27 15.67
C TRP B 514 -0.25 8.70 16.94
N LYS B 515 0.30 9.91 16.89
CA LYS B 515 1.04 10.50 17.99
C LYS B 515 1.06 12.02 17.81
N PRO B 516 1.19 12.78 18.92
CA PRO B 516 1.02 14.23 18.84
C PRO B 516 2.04 14.96 17.97
N SER B 517 3.24 14.42 17.84
CA SER B 517 4.28 15.07 17.05
C SER B 517 3.92 15.06 15.57
N THR B 518 3.11 14.09 15.16
CA THR B 518 2.66 14.00 13.78
C THR B 518 1.83 15.23 13.41
N PHE B 519 1.09 15.74 14.38
CA PHE B 519 0.14 16.82 14.15
C PHE B 519 0.59 18.12 14.81
N GLY B 520 1.89 18.24 15.04
CA GLY B 520 2.47 19.49 15.54
C GLY B 520 2.39 19.69 17.03
N GLY B 521 2.17 18.63 17.79
CA GLY B 521 2.07 18.73 19.23
C GLY B 521 0.65 18.50 19.72
N GLU B 522 0.45 18.59 21.03
CA GLU B 522 -0.84 18.27 21.65
C GLU B 522 -1.96 19.18 21.18
N VAL B 523 -1.65 20.44 20.89
CA VAL B 523 -2.66 21.39 20.45
C VAL B 523 -3.25 20.97 19.11
N GLY B 524 -2.41 20.48 18.21
CA GLY B 524 -2.87 19.97 16.93
C GLY B 524 -3.61 18.65 17.09
N PHE B 525 -3.04 17.78 17.92
CA PHE B 525 -3.62 16.47 18.22
C PHE B 525 -5.04 16.63 18.76
N GLN B 526 -5.22 17.63 19.62
CA GLN B 526 -6.49 17.87 20.27
C GLN B 526 -7.55 18.41 19.31
N ILE B 527 -7.12 19.07 18.24
CA ILE B 527 -8.05 19.55 17.23
C ILE B 527 -8.78 18.36 16.61
N ILE B 528 -8.03 17.31 16.30
CA ILE B 528 -8.60 16.08 15.78
C ILE B 528 -9.56 15.44 16.77
N ASN B 529 -9.08 15.21 17.99
CA ASN B 529 -9.80 14.41 18.96
C ASN B 529 -10.97 15.13 19.61
N THR B 530 -11.21 16.39 19.27
CA THR B 530 -12.39 17.10 19.75
C THR B 530 -13.20 17.70 18.61
N ALA B 531 -13.04 17.15 17.42
CA ALA B 531 -13.76 17.67 16.25
C ALA B 531 -15.15 17.04 16.13
N SER B 532 -16.10 17.84 15.65
CA SER B 532 -17.44 17.34 15.38
C SER B 532 -18.04 18.18 14.26
N ILE B 533 -19.17 17.73 13.73
CA ILE B 533 -19.80 18.43 12.62
C ILE B 533 -20.32 19.79 13.09
N GLN B 534 -20.70 19.88 14.36
CA GLN B 534 -21.16 21.14 14.94
C GLN B 534 -19.98 22.10 15.17
N SER B 535 -18.83 21.57 15.57
CA SER B 535 -17.65 22.40 15.82
C SER B 535 -17.03 22.88 14.53
N LEU B 536 -17.07 22.04 13.50
CA LEU B 536 -16.57 22.42 12.18
C LEU B 536 -17.36 23.62 11.63
N ILE B 537 -18.65 23.66 11.93
CA ILE B 537 -19.49 24.75 11.47
C ILE B 537 -19.36 25.97 12.37
N CYS B 538 -19.34 25.75 13.67
CA CYS B 538 -19.19 26.87 14.61
C CYS B 538 -17.89 27.64 14.37
N ASN B 539 -16.82 26.91 14.09
CA ASN B 539 -15.51 27.55 13.90
C ASN B 539 -15.39 28.31 12.58
N ASN B 540 -16.11 27.88 11.56
CA ASN B 540 -15.87 28.41 10.21
C ASN B 540 -17.09 29.04 9.55
N VAL B 541 -18.18 29.19 10.29
CA VAL B 541 -19.38 29.79 9.74
C VAL B 541 -19.84 30.95 10.61
N LYS B 542 -19.98 32.13 10.00
CA LYS B 542 -20.39 33.34 10.69
C LYS B 542 -21.67 33.12 11.48
N GLY B 543 -21.62 33.44 12.77
CA GLY B 543 -22.78 33.33 13.64
C GLY B 543 -22.85 32.03 14.42
N CYS B 544 -22.00 31.07 14.06
CA CYS B 544 -21.99 29.75 14.70
C CYS B 544 -23.38 29.12 14.73
N PRO B 545 -24.00 28.91 13.56
CA PRO B 545 -25.35 28.34 13.57
C PRO B 545 -25.35 26.92 14.12
N PHE B 546 -26.41 26.53 14.82
CA PHE B 546 -26.58 25.14 15.22
C PHE B 546 -26.65 24.27 13.96
N THR B 547 -26.09 23.07 14.03
CA THR B 547 -26.20 22.15 12.91
C THR B 547 -26.14 20.70 13.37
N SER B 548 -26.67 19.82 12.54
CA SER B 548 -26.81 18.41 12.87
C SER B 548 -26.97 17.63 11.58
N PHE B 549 -26.98 16.30 11.67
CA PHE B 549 -27.23 15.51 10.47
C PHE B 549 -28.71 15.10 10.40
N SER B 550 -29.46 15.42 11.45
CA SER B 550 -30.90 15.19 11.43
C SER B 550 -31.65 16.49 11.66
N VAL B 551 -32.88 16.56 11.17
CA VAL B 551 -33.69 17.77 11.29
C VAL B 551 -34.14 18.00 12.74
N PRO B 552 -34.16 19.28 13.15
CA PRO B 552 -34.61 19.66 14.50
C PRO B 552 -36.09 19.43 14.71
C1 NAG C . 6.14 13.28 -6.39
C2 NAG C . 5.12 13.93 -7.31
C3 NAG C . 5.81 14.51 -8.55
C4 NAG C . 6.95 15.44 -8.14
C5 NAG C . 7.89 14.75 -7.17
C6 NAG C . 8.93 15.69 -6.59
C7 NAG C . 2.80 13.13 -7.45
C8 NAG C . 1.89 12.04 -7.94
N2 NAG C . 4.11 12.96 -7.72
O3 NAG C . 4.86 15.23 -9.31
O4 NAG C . 7.69 15.81 -9.30
O5 NAG C . 7.15 14.24 -6.06
O6 NAG C . 8.32 16.80 -5.93
O7 NAG C . 2.38 14.10 -6.83
C1 NAG C . 7.61 17.22 -9.58
C2 NAG C . 8.72 17.57 -10.57
C3 NAG C . 8.60 19.02 -11.06
C4 NAG C . 7.17 19.43 -11.39
C5 NAG C . 6.21 18.96 -10.31
C6 NAG C . 4.75 19.21 -10.62
C7 NAG C . 10.74 16.24 -10.06
C8 NAG C . 12.06 16.24 -9.37
N2 NAG C . 10.03 17.37 -9.96
O3 NAG C . 9.42 19.17 -12.21
O4 NAG C . 7.15 20.85 -11.42
O5 NAG C . 6.36 17.54 -10.13
O6 NAG C . 4.28 18.39 -11.68
O7 NAG C . 10.32 15.25 -10.65
C1 MAN C . 6.55 21.54 -12.54
C2 MAN C . 7.10 21.14 -13.93
C3 MAN C . 6.53 22.11 -15.01
C4 MAN C . 5.45 23.06 -14.45
C5 MAN C . 6.05 23.86 -13.23
C6 MAN C . 5.06 24.62 -12.32
O2 MAN C . 6.69 19.84 -14.37
O3 MAN C . 6.05 21.42 -16.15
O4 MAN C . 5.03 23.89 -15.55
O5 MAN C . 6.76 22.95 -12.35
O6 MAN C . 5.51 24.50 -10.97
C1 MAN C . 3.82 24.67 -15.31
C2 MAN C . 2.55 23.92 -15.80
C3 MAN C . 1.63 24.91 -16.56
C4 MAN C . 1.54 26.26 -15.83
C5 MAN C . 2.94 26.88 -15.66
C6 MAN C . 3.22 27.37 -14.23
O2 MAN C . 1.77 23.45 -14.68
O3 MAN C . 0.32 24.37 -16.75
O4 MAN C . 0.73 27.14 -16.59
O5 MAN C . 3.96 25.92 -15.98
O6 MAN C . 4.64 27.39 -14.02
C1 NAG D . -3.95 -0.23 -15.56
C2 NAG D . -2.74 0.36 -16.28
C3 NAG D . -3.19 1.22 -17.46
C4 NAG D . -4.14 0.43 -18.37
C5 NAG D . -5.28 -0.16 -17.55
C6 NAG D . -6.18 -1.06 -18.36
C7 NAG D . -0.63 0.94 -15.17
C8 NAG D . 0.05 1.84 -14.18
N2 NAG D . -1.94 1.16 -15.36
O3 NAG D . -2.04 1.62 -18.21
O4 NAG D . -4.69 1.30 -19.36
O5 NAG D . -4.74 -0.96 -16.48
O6 NAG D . -5.43 -2.11 -18.98
O7 NAG D . -0.03 0.05 -15.75
C1 NAG D . -4.25 0.92 -20.67
C2 NAG D . -5.21 1.57 -21.67
C3 NAG D . -4.77 1.27 -23.10
C4 NAG D . -3.28 1.54 -23.31
C5 NAG D . -2.43 0.98 -22.16
C6 NAG D . -1.01 1.48 -22.20
C7 NAG D . -7.46 1.81 -20.72
C8 NAG D . -8.82 1.20 -20.60
N2 NAG D . -6.57 1.12 -21.44
O3 NAG D . -5.55 2.08 -23.97
O4 NAG D . -2.84 0.86 -24.49
O5 NAG D . -2.97 1.39 -20.90
O6 NAG D . -0.14 0.51 -22.79
O7 NAG D . -7.18 2.88 -20.19
C1 MAN D . -2.98 1.64 -25.70
C2 MAN D . -2.21 0.84 -26.79
C3 MAN D . -1.03 1.66 -27.29
C4 MAN D . -1.53 2.98 -27.87
C5 MAN D . -2.27 3.79 -26.78
C6 MAN D . -3.59 4.42 -27.24
O2 MAN D . -3.05 0.59 -27.93
O3 MAN D . -0.25 0.96 -28.25
O4 MAN D . -0.43 3.74 -28.35
O5 MAN D . -2.50 3.00 -25.55
O6 MAN D . -4.45 3.39 -27.76
C1' SAL E . 20.63 -10.01 5.33
O1' SAL E . 19.66 -10.57 4.85
O2' SAL E . 21.17 -10.35 6.36
C1 SAL E . 21.16 -8.88 4.61
C2 SAL E . 20.68 -8.60 3.27
C3 SAL E . 21.17 -7.54 2.60
C4 SAL E . 22.10 -6.76 3.21
C5 SAL E . 22.56 -7.04 4.48
C6 SAL E . 22.09 -8.10 5.18
O2 SAL E . 19.78 -9.39 2.68
CO COH F . 26.66 -1.54 -8.90
CHA COH F . 24.99 1.52 -8.59
CHB COH F . 28.25 -0.31 -11.68
CHC COH F . 27.90 -4.66 -9.53
CHD COH F . 24.97 -2.72 -6.18
NA COH F . 26.63 0.28 -9.93
C1A COH F . 25.85 1.38 -9.65
C2A COH F . 26.08 2.39 -10.66
C3A COH F . 26.98 1.89 -11.53
C4A COH F . 27.35 0.55 -11.08
CMA COH F . 27.55 2.61 -12.77
CAA COH F . 25.39 3.77 -10.70
CBA COH F . 25.94 4.67 -9.60
CGA COH F . 24.91 5.01 -8.55
O1A COH F . 25.26 5.73 -7.57
O2A COH F . 23.73 4.58 -8.68
NB COH F . 27.90 -2.33 -10.31
C1B COH F . 28.37 -1.66 -11.43
C2B COH F . 29.01 -2.64 -12.29
C3B COH F . 28.91 -3.85 -11.70
C4B COH F . 28.21 -3.67 -10.44
CMB COH F . 29.68 -2.30 -13.64
CAB COH F . 29.42 -5.25 -12.16
CBB COH F . 30.11 -5.49 -13.28
NC COH F . 26.45 -3.35 -8.04
C1C COH F . 27.10 -4.52 -8.42
C2C COH F . 26.79 -5.53 -7.44
C3C COH F . 25.97 -4.99 -6.51
C4C COH F . 25.75 -3.60 -6.88
CMC COH F . 27.34 -6.99 -7.52
CAC COH F . 25.32 -5.59 -5.24
CBC COH F . 25.54 -6.83 -4.80
ND COH F . 25.24 -0.68 -7.53
C1D COH F . 24.57 -1.46 -6.59
C2D COH F . 23.39 -0.74 -6.14
C3D COH F . 23.40 0.59 -6.90
C4D COH F . 24.59 0.52 -7.73
CMD COH F . 22.37 -1.24 -5.10
CAD COH F . 22.42 1.79 -6.86
CBD COH F . 20.97 1.37 -7.09
CGD COH F . 20.19 2.45 -7.80
O1D COH F . 19.97 2.28 -9.03
O2D COH F . 19.75 3.47 -7.16
C1 NAG G . 33.56 -9.11 -26.61
C2 NAG G . 34.84 -8.37 -26.98
C3 NAG G . 35.41 -8.93 -28.26
C4 NAG G . 35.62 -10.44 -28.13
C5 NAG G . 34.33 -11.11 -27.69
C6 NAG G . 34.52 -12.59 -27.38
C7 NAG G . 35.44 -6.02 -26.58
C8 NAG G . 36.66 -6.54 -25.87
N2 NAG G . 34.61 -6.94 -27.08
O3 NAG G . 36.65 -8.29 -28.56
O4 NAG G . 36.05 -10.98 -29.37
O5 NAG G . 33.82 -10.51 -26.48
O6 NAG G . 33.30 -13.19 -26.99
O7 NAG G . 35.22 -4.82 -26.69
CA AKR H . 7.93 1.21 -23.90
CB AKR H . 7.69 2.41 -24.41
C AKR H . 9.30 0.81 -23.54
O AKR H . 9.53 0.48 -22.37
OXT AKR H . 10.19 0.82 -24.41
C1 EDO I . 11.65 -23.72 -9.64
O1 EDO I . 11.84 -25.05 -9.15
C2 EDO I . 12.92 -23.27 -10.36
O2 EDO I . 13.07 -23.98 -11.59
C1 EDO J . 19.53 -12.85 8.91
O1 EDO J . 20.90 -12.78 8.58
C2 EDO J . 19.45 -12.57 10.38
O2 EDO J . 18.19 -12.03 10.69
C1 EDO K . 13.41 -5.93 -0.65
O1 EDO K . 12.26 -5.18 -0.25
C2 EDO K . 13.26 -7.37 -0.17
O2 EDO K . 14.52 -7.82 0.37
C1' SAL L . -22.07 2.49 7.61
O1' SAL L . -22.71 1.69 8.27
O2' SAL L . -21.18 3.23 8.06
C1 SAL L . -22.33 2.60 6.18
C2 SAL L . -21.53 3.52 5.39
C3 SAL L . -21.78 3.58 4.05
C4 SAL L . -22.77 2.80 3.51
C5 SAL L . -23.51 1.94 4.28
C6 SAL L . -23.30 1.84 5.63
O2 SAL L . -20.55 4.30 5.94
CO COH M . -24.82 11.46 -7.42
CHA COH M . -22.80 9.66 -9.61
CHB COH M . -25.85 13.42 -10.10
CHC COH M . -26.32 13.69 -5.27
CHD COH M . -23.84 9.50 -4.81
NA COH M . -24.42 11.53 -9.47
C1A COH M . -23.53 10.70 -10.15
C2A COH M . -23.50 11.12 -11.54
C3A COH M . -24.34 12.16 -11.68
C4A COH M . -24.93 12.43 -10.38
CMA COH M . -24.64 12.93 -12.97
CAA COH M . -22.63 10.46 -12.63
CBA COH M . -23.50 9.63 -13.59
CGA COH M . -22.85 8.29 -13.84
O1A COH M . -22.47 8.03 -15.01
O2A COH M . -22.72 7.49 -12.88
NB COH M . -25.94 13.22 -7.64
C1B COH M . -26.14 13.89 -8.83
C2B COH M . -26.71 15.19 -8.52
C3B COH M . -26.83 15.29 -7.19
C4B COH M . -26.36 14.04 -6.61
CMB COH M . -27.09 16.30 -9.52
CAB COH M . -27.40 16.54 -6.48
CBB COH M . -27.17 16.80 -5.20
NC COH M . -25.02 11.59 -5.39
C1C COH M . -25.73 12.56 -4.72
C2C COH M . -25.74 12.19 -3.32
C3C COH M . -25.05 11.06 -3.17
C4C COH M . -24.58 10.63 -4.48
CMC COH M . -26.42 13.00 -2.18
CAC COH M . -24.87 10.38 -1.79
CBC COH M . -23.84 9.55 -1.55
ND COH M . -23.55 9.78 -7.26
C1D COH M . -23.19 9.24 -6.02
C2D COH M . -22.04 8.37 -6.22
C3D COH M . -21.72 8.43 -7.73
C4D COH M . -22.71 9.32 -8.28
CMD COH M . -21.31 7.56 -5.14
CAD COH M . -20.59 7.70 -8.53
CBD COH M . -19.22 8.29 -8.19
CGD COH M . -18.14 8.07 -9.25
O1D COH M . -17.50 9.10 -9.61
O2D COH M . -17.90 6.93 -9.74
C1 NAG N . -21.36 -29.22 -5.56
C2 NAG N . -22.33 -30.39 -5.26
C3 NAG N . -23.02 -30.91 -6.53
C4 NAG N . -23.57 -29.77 -7.38
C5 NAG N . -22.44 -28.81 -7.67
C6 NAG N . -22.84 -27.65 -8.55
C7 NAG N . -21.44 -31.58 -3.28
C8 NAG N . -20.68 -32.79 -2.82
N2 NAG N . -21.62 -31.49 -4.60
O3 NAG N . -24.07 -31.80 -6.17
O4 NAG N . -24.10 -30.27 -8.60
O5 NAG N . -22.00 -28.26 -6.42
O6 NAG N . -23.23 -28.12 -9.84
O7 NAG N . -21.86 -30.73 -2.51
C1 NAG O . -28.84 30.56 -10.67
C2 NAG O . -28.96 30.54 -12.21
C3 NAG O . -29.87 31.65 -12.67
C4 NAG O . -31.25 31.51 -12.07
C5 NAG O . -31.18 31.58 -10.55
C6 NAG O . -31.96 30.50 -9.84
C7 NAG O . -26.91 29.61 -13.21
C8 NAG O . -25.57 29.95 -13.79
N2 NAG O . -27.65 30.66 -12.82
O3 NAG O . -29.96 31.60 -14.10
O4 NAG O . -32.08 32.56 -12.54
O5 NAG O . -29.82 31.53 -10.07
O6 NAG O . -33.24 31.00 -9.45
O7 NAG O . -27.30 28.46 -13.09
C1 BOG P . -46.53 1.40 -11.88
O1 BOG P . -45.47 1.93 -12.65
C2 BOG P . -46.05 0.20 -11.08
O2 BOG P . -45.72 -0.93 -11.92
C3 BOG P . -47.11 -0.23 -10.08
O3 BOG P . -46.69 -1.39 -9.36
C4 BOG P . -47.38 0.93 -9.13
O4 BOG P . -48.39 0.57 -8.20
C5 BOG P . -47.80 2.18 -9.92
O5 BOG P . -46.89 2.46 -10.98
C6 BOG P . -47.82 3.42 -9.02
O6 BOG P . -48.35 3.12 -7.72
C1' BOG P . -45.25 1.32 -13.92
C2' BOG P . -44.17 2.12 -14.65
C3' BOG P . -44.65 3.55 -14.86
C4' BOG P . -43.50 4.53 -14.98
C5' BOG P . -43.86 5.86 -14.31
C6' BOG P . -43.62 5.76 -12.80
C7' BOG P . -44.28 6.89 -12.04
C8' BOG P . -43.35 8.09 -11.90
CA AKR Q . -3.41 21.05 -12.96
CB AKR Q . -2.72 20.96 -14.08
C AKR Q . -4.89 21.02 -12.99
O AKR Q . -5.52 21.91 -13.59
OXT AKR Q . -5.47 20.08 -12.40
CA AKR R . -35.81 20.55 -12.50
CB AKR R . -35.15 20.04 -13.51
C AKR R . -36.65 19.67 -11.66
O AKR R . -37.08 20.09 -10.56
OXT AKR R . -36.91 18.52 -12.07
C1 EDO S . -12.11 21.26 15.04
O1 EDO S . -13.21 21.52 14.17
C2 EDO S . -12.60 21.09 16.48
O2 EDO S . -11.56 20.49 17.28
C1 EDO T . -13.48 4.19 2.90
O1 EDO T . -12.98 5.36 2.25
C2 EDO T . -14.68 4.55 3.77
O2 EDO T . -14.32 5.59 4.69
#